data_6HYQ
#
_entry.id   6HYQ
#
_cell.length_a   59.910
_cell.length_b   80.819
_cell.length_c   149.343
_cell.angle_alpha   90.000
_cell.angle_beta   92.799
_cell.angle_gamma   90.000
#
_symmetry.space_group_name_H-M   'P 1 21 1'
#
loop_
_entity.id
_entity.type
_entity.pdbx_description
1 polymer 'Protein kinase A regulatory subunit'
2 non-polymer GUANOSINE
3 non-polymer 'ACETATE ION'
4 water water
#
_entity_poly.entity_id   1
_entity_poly.type   'polypeptide(L)'
_entity_poly.pdbx_seq_one_letter_code
;GRNRRRTVRSEGIDPEKAKLYQAPYFEKSEDEMNLITKLLTHNVLFSFLNTKDIKVVAGAMQRATFKHDDCIMEAGQTTC
NKLYIIQSGHADIIKEGQKVYLKTEGTAVGELELMYDTPVVATVKVCTDELIAWVLDRDTYRNLVMGTAIRRRETYIQFL
ANVPFLGGLDSYEKLQLADALSSEEFSPGEYIIHYGEEGEWLYIIMEGTVEVIGRDADGEPTKVCEFTQGDHIGELEFLN
NHRTVADVVATTHVITAKLNRRHFEMCLGPVIDVLKRCADDPKYEYYQNVLKTGAAQPSYVDDV
;
_entity_poly.pdbx_strand_id   A,B,C,D
#
loop_
_chem_comp.id
_chem_comp.type
_chem_comp.name
_chem_comp.formula
ACT non-polymer 'ACETATE ION' 'C2 H3 O2 -1'
GMP non-polymer GUANOSINE 'C10 H13 N5 O5'
#
# COMPACT_ATOMS: atom_id res chain seq x y z
N LEU A 20 -30.55 -24.15 -46.06
CA LEU A 20 -30.76 -25.32 -46.91
C LEU A 20 -29.77 -25.37 -48.07
N TYR A 21 -29.00 -24.29 -48.25
CA TYR A 21 -28.11 -24.17 -49.39
C TYR A 21 -27.05 -25.27 -49.35
N GLN A 22 -26.95 -26.03 -50.42
CA GLN A 22 -25.84 -26.94 -50.60
C GLN A 22 -24.99 -26.44 -51.77
N ALA A 23 -23.72 -26.37 -51.54
CA ALA A 23 -22.72 -25.78 -52.41
C ALA A 23 -22.20 -26.77 -53.41
N PRO A 24 -21.63 -26.33 -54.52
CA PRO A 24 -20.96 -27.27 -55.41
C PRO A 24 -19.75 -27.88 -54.72
N TYR A 25 -19.36 -29.06 -55.18
CA TYR A 25 -18.17 -29.71 -54.66
C TYR A 25 -17.34 -30.20 -55.82
N PHE A 26 -16.05 -29.91 -55.75
CA PHE A 26 -15.07 -30.36 -56.72
C PHE A 26 -13.92 -30.90 -55.92
N GLU A 27 -13.71 -32.22 -55.96
CA GLU A 27 -12.73 -32.84 -55.08
C GLU A 27 -11.34 -32.28 -55.33
N LYS A 28 -10.55 -32.16 -54.25
CA LYS A 28 -9.19 -31.61 -54.28
C LYS A 28 -8.21 -32.60 -53.62
N SER A 29 -6.93 -32.55 -54.00
CA SER A 29 -5.92 -33.32 -53.27
C SER A 29 -5.65 -32.66 -51.92
N GLU A 30 -5.21 -33.47 -50.95
CA GLU A 30 -5.00 -33.00 -49.57
C GLU A 30 -4.16 -31.73 -49.48
N ASP A 31 -3.23 -31.51 -50.42
CA ASP A 31 -2.45 -30.28 -50.43
C ASP A 31 -3.25 -29.15 -51.03
N GLU A 32 -4.16 -29.46 -51.94
CA GLU A 32 -4.97 -28.38 -52.47
C GLU A 32 -5.82 -27.78 -51.37
N MET A 33 -6.61 -28.61 -50.66
CA MET A 33 -7.46 -28.10 -49.59
C MET A 33 -6.64 -27.33 -48.58
N ASN A 34 -5.44 -27.82 -48.30
CA ASN A 34 -4.57 -27.15 -47.35
C ASN A 34 -4.11 -25.80 -47.88
N LEU A 35 -3.68 -25.77 -49.15
CA LEU A 35 -3.21 -24.52 -49.75
C LEU A 35 -4.32 -23.48 -49.78
N ILE A 36 -5.47 -23.92 -50.29
CA ILE A 36 -6.66 -23.07 -50.44
C ILE A 36 -7.15 -22.58 -49.11
N THR A 37 -7.23 -23.48 -48.12
CA THR A 37 -7.73 -23.09 -46.81
CA THR A 37 -7.73 -23.08 -46.81
C THR A 37 -6.85 -22.00 -46.21
N LYS A 38 -5.56 -22.03 -46.53
CA LYS A 38 -4.61 -21.05 -46.02
C LYS A 38 -4.83 -19.68 -46.67
N LEU A 39 -5.11 -19.65 -47.99
CA LEU A 39 -5.38 -18.41 -48.71
C LEU A 39 -6.64 -17.76 -48.18
N LEU A 40 -7.58 -18.58 -47.72
CA LEU A 40 -8.87 -18.07 -47.25
C LEU A 40 -8.72 -17.44 -45.88
N THR A 41 -7.95 -18.05 -45.03
CA THR A 41 -7.89 -17.56 -43.66
C THR A 41 -6.96 -16.36 -43.53
N HIS A 42 -6.30 -16.02 -44.63
CA HIS A 42 -5.51 -14.81 -44.74
C HIS A 42 -6.13 -13.77 -45.67
N ASN A 43 -7.26 -14.07 -46.31
CA ASN A 43 -8.03 -13.08 -47.06
C ASN A 43 -9.29 -12.64 -46.28
N VAL A 44 -9.43 -11.32 -46.12
CA VAL A 44 -10.41 -10.73 -45.21
C VAL A 44 -11.85 -10.98 -45.66
N LEU A 45 -12.08 -11.37 -46.90
CA LEU A 45 -13.43 -11.71 -47.28
C LEU A 45 -13.99 -12.86 -46.43
N PHE A 46 -13.14 -13.69 -45.84
CA PHE A 46 -13.59 -14.90 -45.17
C PHE A 46 -13.27 -14.87 -43.69
N SER A 47 -13.06 -13.67 -43.14
CA SER A 47 -12.50 -13.57 -41.80
C SER A 47 -13.40 -14.24 -40.78
N PHE A 48 -14.70 -14.14 -40.93
CA PHE A 48 -15.56 -14.51 -39.85
C PHE A 48 -16.43 -15.75 -40.13
N LEU A 49 -15.83 -16.69 -40.84
CA LEU A 49 -16.46 -17.93 -41.20
C LEU A 49 -15.98 -18.99 -40.24
N ASN A 50 -16.91 -19.89 -39.90
CA ASN A 50 -16.49 -20.98 -39.08
C ASN A 50 -15.71 -22.01 -39.90
N THR A 51 -15.32 -23.12 -39.24
CA THR A 51 -14.39 -24.09 -39.83
C THR A 51 -15.02 -24.90 -40.95
N LYS A 52 -16.27 -25.31 -40.75
CA LYS A 52 -17.04 -26.06 -41.74
C LYS A 52 -17.23 -25.21 -42.99
N ASP A 53 -17.63 -23.94 -42.81
CA ASP A 53 -17.90 -23.07 -43.94
C ASP A 53 -16.62 -22.69 -44.63
N ILE A 54 -15.50 -22.66 -43.92
CA ILE A 54 -14.24 -22.49 -44.65
C ILE A 54 -13.98 -23.66 -45.60
N LYS A 55 -14.36 -24.87 -45.19
CA LYS A 55 -14.02 -26.03 -45.99
C LYS A 55 -14.97 -26.20 -47.18
N VAL A 56 -16.28 -26.12 -46.93
CA VAL A 56 -17.26 -26.09 -48.01
C VAL A 56 -16.79 -25.12 -49.07
N VAL A 57 -16.37 -23.94 -48.65
CA VAL A 57 -15.92 -22.93 -49.60
C VAL A 57 -14.71 -23.42 -50.39
N ALA A 58 -13.73 -24.03 -49.72
CA ALA A 58 -12.58 -24.57 -50.43
C ALA A 58 -12.97 -25.67 -51.41
N GLY A 59 -14.00 -26.46 -51.09
CA GLY A 59 -14.45 -27.44 -52.06
C GLY A 59 -15.21 -26.85 -53.25
N ALA A 60 -15.79 -25.67 -53.08
CA ALA A 60 -16.54 -25.10 -54.19
C ALA A 60 -15.65 -24.27 -55.08
N MET A 61 -14.41 -24.05 -54.70
CA MET A 61 -13.48 -23.33 -55.56
CA MET A 61 -13.45 -23.34 -55.55
C MET A 61 -13.06 -24.21 -56.73
N GLN A 62 -12.54 -23.57 -57.77
CA GLN A 62 -12.04 -24.25 -58.96
C GLN A 62 -10.77 -23.54 -59.39
N ARG A 63 -9.85 -24.31 -59.95
CA ARG A 63 -8.64 -23.76 -60.52
C ARG A 63 -8.91 -22.92 -61.77
N ALA A 64 -8.10 -21.91 -61.95
CA ALA A 64 -8.22 -21.05 -63.12
C ALA A 64 -6.88 -20.41 -63.33
N THR A 65 -6.30 -20.68 -64.47
CA THR A 65 -4.97 -20.25 -64.78
C THR A 65 -5.07 -19.21 -65.89
N PHE A 66 -4.17 -18.24 -65.85
CA PHE A 66 -4.14 -17.11 -66.77
C PHE A 66 -2.72 -16.94 -67.22
N LYS A 67 -2.56 -16.26 -68.36
CA LYS A 67 -1.23 -15.96 -68.87
C LYS A 67 -1.02 -14.46 -68.90
N HIS A 68 0.25 -14.05 -69.02
CA HIS A 68 0.57 -12.63 -69.12
C HIS A 68 -0.32 -11.92 -70.12
N ASP A 69 -0.70 -10.68 -69.76
CA ASP A 69 -1.58 -9.77 -70.49
C ASP A 69 -3.05 -10.24 -70.56
N ASP A 70 -3.34 -11.46 -70.12
CA ASP A 70 -4.73 -11.93 -70.00
C ASP A 70 -5.56 -11.00 -69.13
N CYS A 71 -6.83 -10.85 -69.46
CA CYS A 71 -7.76 -10.09 -68.64
C CYS A 71 -8.69 -11.05 -67.90
N ILE A 72 -8.67 -11.01 -66.57
CA ILE A 72 -9.62 -11.81 -65.78
C ILE A 72 -11.05 -11.22 -65.83
N MET A 73 -11.14 -9.90 -66.01
CA MET A 73 -12.37 -9.14 -66.17
C MET A 73 -12.01 -7.81 -66.81
N GLU A 74 -13.02 -7.10 -67.28
CA GLU A 74 -12.81 -5.86 -67.99
C GLU A 74 -13.86 -4.86 -67.53
N ALA A 75 -13.48 -3.60 -67.43
CA ALA A 75 -14.43 -2.56 -67.07
C ALA A 75 -15.68 -2.66 -67.94
N GLY A 76 -16.82 -2.69 -67.28
CA GLY A 76 -18.09 -2.72 -67.94
C GLY A 76 -18.67 -4.09 -68.11
N GLN A 77 -17.87 -5.12 -67.97
CA GLN A 77 -18.38 -6.47 -68.12
CA GLN A 77 -18.38 -6.47 -68.11
C GLN A 77 -19.52 -6.71 -67.15
N THR A 78 -20.55 -7.39 -67.63
CA THR A 78 -21.64 -7.87 -66.82
C THR A 78 -21.63 -9.37 -66.68
N THR A 79 -20.78 -10.05 -67.44
CA THR A 79 -20.76 -11.49 -67.64
C THR A 79 -19.83 -12.22 -66.65
N CYS A 80 -19.22 -11.51 -65.69
CA CYS A 80 -18.28 -12.12 -64.74
C CYS A 80 -18.97 -12.81 -63.56
N ASN A 81 -19.38 -12.05 -62.54
CA ASN A 81 -20.13 -12.57 -61.39
C ASN A 81 -19.40 -13.72 -60.66
N LYS A 82 -18.08 -13.60 -60.55
CA LYS A 82 -17.25 -14.60 -59.93
C LYS A 82 -16.26 -13.87 -59.04
N LEU A 83 -15.80 -14.54 -57.99
CA LEU A 83 -14.76 -14.06 -57.08
C LEU A 83 -13.51 -14.89 -57.26
N TYR A 84 -12.39 -14.23 -57.53
CA TYR A 84 -11.13 -14.92 -57.73
C TYR A 84 -10.13 -14.60 -56.61
N ILE A 85 -9.52 -15.66 -55.99
CA ILE A 85 -8.44 -15.47 -55.01
CA ILE A 85 -8.43 -15.47 -55.01
C ILE A 85 -7.12 -15.87 -55.68
N ILE A 86 -6.19 -14.94 -55.70
CA ILE A 86 -4.92 -15.19 -56.35
C ILE A 86 -4.09 -16.12 -55.47
N GLN A 87 -3.54 -17.18 -56.10
CA GLN A 87 -2.57 -18.11 -55.49
C GLN A 87 -1.14 -17.69 -55.77
N SER A 88 -0.81 -17.45 -57.02
CA SER A 88 0.53 -17.00 -57.38
C SER A 88 0.43 -16.07 -58.57
N GLY A 89 1.28 -15.07 -58.59
CA GLY A 89 1.28 -14.14 -59.70
C GLY A 89 0.58 -12.86 -59.36
N HIS A 90 0.81 -11.86 -60.19
CA HIS A 90 0.29 -10.50 -59.98
C HIS A 90 -0.63 -10.05 -61.12
N ALA A 91 -1.39 -8.99 -60.83
CA ALA A 91 -2.38 -8.46 -61.76
C ALA A 91 -2.71 -7.02 -61.36
N ASP A 92 -2.76 -6.15 -62.38
CA ASP A 92 -2.94 -4.71 -62.28
C ASP A 92 -4.43 -4.39 -62.31
N ILE A 93 -4.80 -3.34 -61.57
CA ILE A 93 -6.13 -2.76 -61.65
C ILE A 93 -6.07 -1.52 -62.53
N ILE A 94 -6.90 -1.49 -63.56
CA ILE A 94 -6.82 -0.41 -64.53
C ILE A 94 -8.21 0.18 -64.63
N LYS A 95 -8.33 1.46 -64.24
CA LYS A 95 -9.56 2.24 -64.28
C LYS A 95 -9.39 3.45 -65.22
N GLU A 96 -10.02 3.38 -66.40
CA GLU A 96 -9.92 4.44 -67.41
C GLU A 96 -8.49 4.57 -67.93
N GLY A 97 -7.97 3.47 -68.49
CA GLY A 97 -6.67 3.48 -69.13
C GLY A 97 -5.48 3.59 -68.22
N GLN A 98 -5.68 3.89 -66.94
CA GLN A 98 -4.61 4.08 -65.97
CA GLN A 98 -4.62 4.08 -65.96
C GLN A 98 -4.56 2.88 -65.01
N LYS A 99 -3.38 2.27 -64.92
CA LYS A 99 -3.16 1.35 -63.83
C LYS A 99 -3.33 2.10 -62.52
N VAL A 100 -3.92 1.45 -61.52
CA VAL A 100 -4.14 2.09 -60.22
C VAL A 100 -3.79 1.19 -59.03
N TYR A 101 -3.70 -0.13 -59.20
CA TYR A 101 -3.43 -1.03 -58.08
C TYR A 101 -2.83 -2.34 -58.56
N LEU A 102 -1.86 -2.84 -57.83
CA LEU A 102 -1.26 -4.14 -58.07
C LEU A 102 -1.82 -5.17 -57.08
N LYS A 103 -2.44 -6.21 -57.63
CA LYS A 103 -3.00 -7.32 -56.88
C LYS A 103 -2.02 -8.50 -56.88
N THR A 104 -1.49 -8.83 -55.69
CA THR A 104 -0.53 -9.90 -55.52
C THR A 104 -1.14 -11.20 -54.89
N GLU A 105 -0.27 -12.15 -54.59
CA GLU A 105 -0.78 -13.42 -54.15
C GLU A 105 -1.53 -13.22 -52.84
N GLY A 106 -2.61 -14.01 -52.69
CA GLY A 106 -3.46 -13.99 -51.54
C GLY A 106 -4.66 -13.08 -51.62
N THR A 107 -4.65 -12.11 -52.54
CA THR A 107 -5.67 -11.10 -52.75
C THR A 107 -6.70 -11.60 -53.74
N ALA A 108 -7.78 -10.79 -53.92
CA ALA A 108 -9.00 -11.18 -54.59
C ALA A 108 -9.44 -10.07 -55.54
N VAL A 109 -9.99 -10.47 -56.67
CA VAL A 109 -10.62 -9.52 -57.59
C VAL A 109 -12.05 -10.03 -57.79
N GLY A 110 -13.00 -9.10 -57.94
CA GLY A 110 -14.39 -9.47 -58.14
C GLY A 110 -15.28 -9.26 -56.94
N GLU A 111 -14.72 -8.96 -55.79
CA GLU A 111 -15.58 -8.93 -54.61
C GLU A 111 -16.49 -7.70 -54.64
N LEU A 112 -15.99 -6.65 -55.27
CA LEU A 112 -16.72 -5.36 -55.33
C LEU A 112 -18.00 -5.48 -56.10
N GLU A 113 -17.97 -6.24 -57.21
CA GLU A 113 -19.15 -6.46 -58.02
C GLU A 113 -20.13 -7.35 -57.31
N LEU A 114 -19.59 -8.36 -56.58
CA LEU A 114 -20.43 -9.25 -55.79
C LEU A 114 -21.08 -8.60 -54.57
N MET A 115 -20.42 -7.63 -53.96
CA MET A 115 -20.97 -7.04 -52.75
CA MET A 115 -20.97 -7.04 -52.75
C MET A 115 -21.92 -5.89 -53.08
N TYR A 116 -21.64 -5.18 -54.16
CA TYR A 116 -22.44 -4.01 -54.49
C TYR A 116 -23.30 -4.20 -55.76
N ASP A 117 -23.38 -5.45 -56.26
CA ASP A 117 -24.10 -5.81 -57.48
CA ASP A 117 -24.10 -5.82 -57.49
C ASP A 117 -24.04 -4.68 -58.49
N THR A 118 -22.93 -4.61 -59.21
CA THR A 118 -22.70 -3.64 -60.26
C THR A 118 -21.82 -4.32 -61.29
N PRO A 119 -21.75 -3.77 -62.51
CA PRO A 119 -20.77 -4.25 -63.49
C PRO A 119 -19.32 -4.05 -63.05
N VAL A 120 -18.45 -4.91 -63.56
CA VAL A 120 -17.03 -4.76 -63.28
C VAL A 120 -16.71 -3.26 -63.41
N VAL A 121 -16.06 -2.72 -62.37
CA VAL A 121 -15.63 -1.32 -62.29
C VAL A 121 -14.24 -1.12 -62.88
N ALA A 122 -13.40 -2.13 -62.84
CA ALA A 122 -12.05 -1.93 -63.27
C ALA A 122 -11.55 -3.18 -63.97
N THR A 123 -10.60 -2.99 -64.84
CA THR A 123 -10.01 -4.08 -65.58
C THR A 123 -8.85 -4.71 -64.81
N VAL A 124 -8.73 -6.03 -64.90
CA VAL A 124 -7.72 -6.79 -64.13
C VAL A 124 -6.85 -7.47 -65.16
N LYS A 125 -5.58 -7.11 -65.18
CA LYS A 125 -4.73 -7.55 -66.27
C LYS A 125 -3.52 -8.23 -65.65
N VAL A 126 -3.38 -9.52 -65.93
CA VAL A 126 -2.23 -10.26 -65.51
C VAL A 126 -0.96 -9.60 -66.01
N CYS A 127 -0.06 -9.29 -65.09
CA CYS A 127 1.24 -8.69 -65.40
C CYS A 127 2.42 -9.60 -65.05
N THR A 128 2.20 -10.89 -64.90
CA THR A 128 3.29 -11.84 -64.70
C THR A 128 3.09 -12.94 -65.72
N ASP A 129 4.10 -13.79 -65.86
CA ASP A 129 4.06 -14.82 -66.89
C ASP A 129 2.82 -15.69 -66.75
N GLU A 130 2.49 -16.10 -65.51
CA GLU A 130 1.27 -16.85 -65.24
C GLU A 130 0.58 -16.25 -64.02
N LEU A 131 -0.71 -16.56 -63.90
CA LEU A 131 -1.49 -16.24 -62.70
C LEU A 131 -2.37 -17.44 -62.43
N ILE A 132 -2.33 -17.98 -61.23
CA ILE A 132 -3.15 -19.12 -60.86
C ILE A 132 -4.16 -18.62 -59.85
N ALA A 133 -5.43 -18.79 -60.15
CA ALA A 133 -6.45 -18.33 -59.25
C ALA A 133 -7.28 -19.52 -58.80
N TRP A 134 -8.05 -19.28 -57.76
CA TRP A 134 -9.12 -20.13 -57.32
C TRP A 134 -10.40 -19.30 -57.29
N VAL A 135 -11.41 -19.83 -57.99
CA VAL A 135 -12.59 -19.09 -58.46
C VAL A 135 -13.81 -19.63 -57.72
N LEU A 136 -14.62 -18.72 -57.19
CA LEU A 136 -15.83 -19.02 -56.47
C LEU A 136 -16.96 -18.42 -57.26
N ASP A 137 -18.11 -19.09 -57.23
CA ASP A 137 -19.32 -18.68 -57.93
C ASP A 137 -20.12 -17.69 -57.08
N ARG A 138 -20.89 -16.80 -57.74
CA ARG A 138 -21.68 -15.81 -57.00
C ARG A 138 -22.62 -16.46 -56.00
N ASP A 139 -23.29 -17.55 -56.38
CA ASP A 139 -24.28 -18.13 -55.47
C ASP A 139 -23.65 -18.53 -54.14
N THR A 140 -22.45 -19.17 -54.15
CA THR A 140 -21.82 -19.67 -52.91
C THR A 140 -21.29 -18.52 -52.05
N TYR A 141 -20.81 -17.46 -52.68
CA TYR A 141 -20.32 -16.30 -51.93
C TYR A 141 -21.47 -15.59 -51.21
N ARG A 142 -22.55 -15.24 -51.93
CA ARG A 142 -23.63 -14.44 -51.32
C ARG A 142 -24.38 -15.22 -50.26
N ASN A 143 -24.37 -16.55 -50.35
CA ASN A 143 -25.11 -17.40 -49.42
C ASN A 143 -24.29 -17.94 -48.27
N LEU A 144 -22.96 -18.02 -48.40
CA LEU A 144 -22.12 -18.64 -47.40
CA LEU A 144 -22.13 -18.65 -47.39
C LEU A 144 -20.97 -17.78 -46.93
N VAL A 145 -20.70 -16.65 -47.57
CA VAL A 145 -19.58 -15.83 -47.17
C VAL A 145 -20.06 -14.43 -46.78
N MET A 146 -20.60 -13.69 -47.74
CA MET A 146 -20.84 -12.26 -47.58
C MET A 146 -21.34 -11.88 -46.20
N GLY A 147 -22.35 -12.59 -45.71
CA GLY A 147 -22.91 -12.34 -44.39
C GLY A 147 -23.31 -10.88 -44.19
N THR A 148 -22.78 -10.24 -43.12
CA THR A 148 -23.09 -8.82 -42.85
C THR A 148 -22.04 -7.85 -43.36
N ALA A 149 -21.33 -8.19 -44.45
CA ALA A 149 -20.20 -7.41 -44.93
C ALA A 149 -20.48 -5.89 -45.00
N ILE A 150 -21.67 -5.51 -45.54
CA ILE A 150 -21.97 -4.08 -45.78
C ILE A 150 -22.13 -3.35 -44.43
N ARG A 151 -22.80 -3.98 -43.46
CA ARG A 151 -22.96 -3.42 -42.13
C ARG A 151 -21.63 -3.34 -41.36
N ARG A 152 -20.80 -4.33 -41.50
CA ARG A 152 -19.49 -4.26 -40.86
C ARG A 152 -18.71 -3.10 -41.41
N ARG A 153 -18.74 -2.95 -42.72
CA ARG A 153 -18.17 -1.77 -43.33
C ARG A 153 -18.81 -0.48 -42.82
N GLU A 154 -20.14 -0.47 -42.56
CA GLU A 154 -20.72 0.74 -42.02
C GLU A 154 -20.26 0.94 -40.62
N THR A 155 -20.00 -0.12 -39.87
CA THR A 155 -19.63 0.09 -38.48
C THR A 155 -18.31 0.82 -38.35
N TYR A 156 -17.32 0.50 -39.21
CA TYR A 156 -15.95 1.04 -39.00
C TYR A 156 -15.47 2.23 -39.90
N ILE A 157 -16.01 2.45 -41.13
CA ILE A 157 -15.24 3.19 -42.11
C ILE A 157 -15.07 4.66 -41.67
N GLN A 158 -16.11 5.24 -41.14
CA GLN A 158 -16.03 6.63 -40.73
C GLN A 158 -15.03 6.80 -39.62
N PHE A 159 -15.01 5.84 -38.69
CA PHE A 159 -13.99 5.81 -37.62
C PHE A 159 -12.60 5.65 -38.20
N LEU A 160 -12.46 4.68 -39.11
CA LEU A 160 -11.13 4.35 -39.60
C LEU A 160 -10.61 5.52 -40.38
N ALA A 161 -11.53 6.18 -41.13
CA ALA A 161 -11.20 7.40 -41.86
C ALA A 161 -10.67 8.48 -40.95
N ASN A 162 -10.96 8.45 -39.66
CA ASN A 162 -10.48 9.44 -38.68
C ASN A 162 -9.34 8.95 -37.76
N VAL A 163 -8.79 7.76 -37.99
CA VAL A 163 -7.74 7.21 -37.16
C VAL A 163 -6.37 7.59 -37.77
N PRO A 164 -5.56 8.38 -37.09
CA PRO A 164 -4.37 8.95 -37.72
C PRO A 164 -3.43 7.99 -38.40
N PHE A 165 -3.07 6.92 -37.76
CA PHE A 165 -2.06 6.08 -38.38
C PHE A 165 -2.58 5.38 -39.63
N LEU A 166 -3.91 5.43 -39.86
CA LEU A 166 -4.46 4.86 -41.07
C LEU A 166 -4.52 5.88 -42.21
N GLY A 167 -3.93 7.03 -42.01
CA GLY A 167 -3.90 8.06 -43.05
C GLY A 167 -3.47 7.56 -44.42
N GLY A 168 -2.51 6.63 -44.46
CA GLY A 168 -1.90 6.19 -45.70
C GLY A 168 -2.64 5.06 -46.41
N LEU A 169 -3.77 4.56 -45.88
CA LEU A 169 -4.65 3.67 -46.65
C LEU A 169 -5.63 4.54 -47.43
N ASP A 170 -5.91 4.12 -48.64
CA ASP A 170 -6.95 4.77 -49.43
C ASP A 170 -8.33 4.19 -49.06
N SER A 171 -9.44 4.72 -49.65
CA SER A 171 -10.74 4.24 -49.19
C SER A 171 -10.84 2.73 -49.38
N TYR A 172 -10.21 2.25 -50.43
CA TYR A 172 -10.37 0.84 -50.73
C TYR A 172 -9.66 0.01 -49.67
N GLU A 173 -8.52 0.46 -49.24
CA GLU A 173 -7.76 -0.29 -48.24
C GLU A 173 -8.43 -0.20 -46.86
N LYS A 174 -9.06 0.95 -46.52
CA LYS A 174 -9.74 1.03 -45.23
C LYS A 174 -10.90 0.05 -45.13
N LEU A 175 -11.65 -0.09 -46.25
CA LEU A 175 -12.75 -1.06 -46.36
C LEU A 175 -12.19 -2.48 -46.28
N GLN A 176 -11.06 -2.69 -46.91
CA GLN A 176 -10.44 -4.00 -46.81
C GLN A 176 -10.17 -4.34 -45.32
N LEU A 177 -9.57 -3.39 -44.59
CA LEU A 177 -9.40 -3.54 -43.15
C LEU A 177 -10.75 -3.68 -42.42
N ALA A 178 -11.77 -2.84 -42.75
CA ALA A 178 -13.03 -2.96 -42.03
C ALA A 178 -13.62 -4.39 -42.16
N ASP A 179 -13.40 -5.03 -43.33
CA ASP A 179 -13.92 -6.38 -43.54
C ASP A 179 -13.36 -7.41 -42.51
N ALA A 180 -12.19 -7.15 -41.94
CA ALA A 180 -11.56 -8.04 -40.99
C ALA A 180 -11.68 -7.57 -39.51
N LEU A 181 -12.42 -6.51 -39.26
CA LEU A 181 -12.50 -5.96 -37.91
C LEU A 181 -13.70 -6.53 -37.14
N SER A 182 -13.51 -6.65 -35.85
CA SER A 182 -14.55 -7.00 -34.93
C SER A 182 -14.32 -6.18 -33.68
N SER A 183 -15.42 -6.04 -32.93
CA SER A 183 -15.52 -5.12 -31.82
C SER A 183 -15.24 -5.88 -30.54
N GLU A 184 -14.28 -5.30 -29.80
CA GLU A 184 -13.74 -5.87 -28.54
C GLU A 184 -13.69 -4.74 -27.45
N GLU A 185 -14.39 -5.10 -26.36
CA GLU A 185 -14.67 -4.31 -25.18
C GLU A 185 -13.91 -4.93 -24.02
N PHE A 186 -13.49 -4.08 -23.09
CA PHE A 186 -12.74 -4.52 -21.94
C PHE A 186 -13.25 -3.78 -20.71
N SER A 187 -13.34 -4.54 -19.66
CA SER A 187 -13.81 -4.04 -18.39
CA SER A 187 -13.80 -4.03 -18.39
C SER A 187 -12.65 -3.31 -17.70
N PRO A 188 -12.92 -2.31 -16.90
CA PRO A 188 -11.85 -1.66 -16.15
C PRO A 188 -10.93 -2.71 -15.47
N GLY A 189 -9.62 -2.59 -15.60
CA GLY A 189 -8.68 -3.50 -14.91
C GLY A 189 -8.44 -4.86 -15.61
N GLU A 190 -9.16 -5.15 -16.69
CA GLU A 190 -8.94 -6.37 -17.44
C GLU A 190 -7.76 -6.24 -18.39
N TYR A 191 -6.99 -7.33 -18.45
CA TYR A 191 -5.85 -7.43 -19.37
C TYR A 191 -6.32 -7.49 -20.82
N ILE A 192 -5.85 -6.55 -21.66
CA ILE A 192 -5.93 -6.66 -23.13
C ILE A 192 -4.81 -7.55 -23.64
N ILE A 193 -3.62 -7.32 -23.13
CA ILE A 193 -2.48 -8.10 -23.54
C ILE A 193 -1.69 -8.48 -22.28
N HIS A 194 -1.20 -9.70 -22.24
CA HIS A 194 -0.36 -10.12 -21.16
C HIS A 194 1.13 -10.15 -21.56
N TYR A 195 1.96 -9.66 -20.65
CA TYR A 195 3.38 -9.77 -20.84
C TYR A 195 3.83 -11.19 -21.13
N GLY A 196 4.82 -11.32 -22.00
CA GLY A 196 5.49 -12.60 -22.25
C GLY A 196 4.67 -13.63 -23.03
N GLU A 197 3.68 -13.19 -23.82
CA GLU A 197 2.79 -14.10 -24.58
C GLU A 197 2.95 -13.81 -26.06
N GLU A 198 2.40 -14.72 -26.84
CA GLU A 198 2.50 -14.58 -28.27
C GLU A 198 1.64 -13.40 -28.79
N GLY A 199 0.37 -13.32 -28.47
CA GLY A 199 -0.27 -12.11 -29.03
C GLY A 199 -0.73 -12.25 -30.47
N GLU A 200 -2.03 -12.25 -30.63
CA GLU A 200 -2.58 -12.55 -31.94
C GLU A 200 -3.48 -11.43 -32.47
N TRP A 201 -3.50 -10.24 -31.81
CA TRP A 201 -4.41 -9.17 -32.20
C TRP A 201 -3.73 -7.81 -32.13
N LEU A 202 -3.99 -6.95 -33.13
CA LEU A 202 -3.76 -5.52 -33.00
C LEU A 202 -5.09 -4.90 -32.60
N TYR A 203 -5.03 -3.91 -31.68
CA TYR A 203 -6.21 -3.19 -31.21
C TYR A 203 -6.13 -1.71 -31.60
N ILE A 204 -7.26 -1.15 -32.04
CA ILE A 204 -7.42 0.29 -32.24
C ILE A 204 -8.49 0.73 -31.23
N ILE A 205 -8.08 1.59 -30.31
CA ILE A 205 -9.00 2.03 -29.29
C ILE A 205 -10.07 2.91 -29.92
N MET A 206 -11.33 2.64 -29.66
CA MET A 206 -12.47 3.48 -30.06
C MET A 206 -12.97 4.29 -28.91
N GLU A 207 -12.95 3.73 -27.73
CA GLU A 207 -13.35 4.42 -26.52
C GLU A 207 -12.61 3.80 -25.33
N GLY A 208 -12.23 4.72 -24.39
CA GLY A 208 -11.67 4.33 -23.11
C GLY A 208 -10.18 4.64 -23.16
N THR A 209 -9.47 4.21 -22.12
CA THR A 209 -8.04 4.45 -21.92
C THR A 209 -7.35 3.18 -21.49
N VAL A 210 -6.10 3.01 -21.89
CA VAL A 210 -5.35 1.84 -21.43
C VAL A 210 -3.98 2.23 -20.92
N GLU A 211 -3.45 1.35 -20.07
CA GLU A 211 -2.07 1.46 -19.57
C GLU A 211 -1.27 0.24 -20.06
N VAL A 212 -0.02 0.59 -20.42
CA VAL A 212 1.03 -0.32 -20.91
C VAL A 212 1.97 -0.51 -19.72
N ILE A 213 2.11 -1.77 -19.21
CA ILE A 213 2.87 -2.05 -17.99
C ILE A 213 4.00 -2.97 -18.39
N GLY A 214 5.21 -2.39 -18.48
CA GLY A 214 6.37 -3.12 -18.92
C GLY A 214 7.07 -3.84 -17.76
N ARG A 215 8.30 -4.26 -18.03
CA ARG A 215 9.15 -4.83 -17.00
C ARG A 215 10.50 -4.18 -17.05
N ASP A 216 10.96 -3.68 -15.91
CA ASP A 216 12.26 -3.02 -15.85
C ASP A 216 13.41 -4.04 -15.69
N ALA A 217 14.59 -3.57 -15.32
CA ALA A 217 15.74 -4.46 -15.45
C ALA A 217 15.68 -5.59 -14.44
N ASP A 218 15.17 -5.34 -13.24
CA ASP A 218 15.04 -6.41 -12.27
C ASP A 218 13.79 -7.24 -12.50
N GLY A 219 13.13 -7.04 -13.63
CA GLY A 219 11.96 -7.82 -13.97
C GLY A 219 10.69 -7.37 -13.28
N GLU A 220 10.66 -6.13 -12.74
CA GLU A 220 9.49 -5.65 -12.01
C GLU A 220 8.54 -4.81 -12.87
N PRO A 221 7.24 -4.83 -12.54
CA PRO A 221 6.27 -3.97 -13.22
C PRO A 221 6.65 -2.50 -13.14
N THR A 222 6.61 -1.86 -14.31
CA THR A 222 6.76 -0.42 -14.44
C THR A 222 5.78 0.08 -15.50
N LYS A 223 5.04 1.12 -15.15
CA LYS A 223 4.13 1.75 -16.10
C LYS A 223 4.95 2.55 -17.13
N VAL A 224 4.65 2.36 -18.43
CA VAL A 224 5.32 3.05 -19.53
C VAL A 224 4.57 4.32 -19.94
N CYS A 225 3.31 4.17 -20.33
CA CYS A 225 2.46 5.27 -20.74
C CYS A 225 1.01 4.80 -20.71
N GLU A 226 0.11 5.69 -21.11
CA GLU A 226 -1.28 5.38 -21.35
C GLU A 226 -1.61 5.55 -22.83
N PHE A 227 -2.73 4.98 -23.26
CA PHE A 227 -3.17 5.14 -24.63
C PHE A 227 -4.65 5.39 -24.61
N THR A 228 -5.18 6.01 -25.66
CA THR A 228 -6.60 6.30 -25.68
C THR A 228 -7.13 6.27 -27.13
N GLN A 229 -8.28 6.90 -27.38
CA GLN A 229 -9.00 6.82 -28.67
C GLN A 229 -8.12 7.13 -29.87
N GLY A 230 -8.19 6.29 -30.87
CA GLY A 230 -7.36 6.48 -32.02
C GLY A 230 -5.96 5.87 -31.95
N ASP A 231 -5.45 5.57 -30.74
CA ASP A 231 -4.18 4.85 -30.59
C ASP A 231 -4.33 3.37 -30.92
N HIS A 232 -3.17 2.75 -31.20
CA HIS A 232 -3.04 1.33 -31.55
C HIS A 232 -2.07 0.66 -30.57
N ILE A 233 -2.39 -0.58 -30.21
CA ILE A 233 -1.52 -1.49 -29.46
C ILE A 233 -1.57 -2.87 -30.12
N GLY A 234 -0.45 -3.65 -29.94
CA GLY A 234 -0.28 -5.00 -30.50
C GLY A 234 0.72 -5.09 -31.62
N GLU A 235 1.10 -3.96 -32.22
CA GLU A 235 1.83 -4.08 -33.48
C GLU A 235 3.29 -4.44 -33.29
N LEU A 236 3.92 -4.10 -32.16
CA LEU A 236 5.38 -4.27 -31.98
C LEU A 236 5.86 -5.66 -32.32
N GLU A 237 5.17 -6.67 -31.76
CA GLU A 237 5.51 -8.06 -31.88
C GLU A 237 5.32 -8.57 -33.28
N PHE A 238 4.41 -7.96 -34.04
CA PHE A 238 4.20 -8.34 -35.44
C PHE A 238 5.29 -7.68 -36.31
N LEU A 239 5.73 -6.45 -35.98
CA LEU A 239 6.77 -5.84 -36.79
C LEU A 239 8.09 -6.58 -36.59
N ASN A 240 8.36 -7.00 -35.36
CA ASN A 240 9.71 -7.37 -34.93
C ASN A 240 9.78 -8.78 -34.37
N ASN A 241 8.75 -9.60 -34.61
CA ASN A 241 8.75 -11.06 -34.35
C ASN A 241 9.35 -11.45 -33.00
N HIS A 242 8.73 -10.95 -31.94
CA HIS A 242 9.02 -11.37 -30.59
C HIS A 242 7.74 -11.41 -29.77
N ARG A 243 7.83 -12.12 -28.65
CA ARG A 243 6.71 -12.22 -27.75
C ARG A 243 6.51 -10.86 -27.13
N THR A 244 5.40 -10.72 -26.43
CA THR A 244 5.03 -9.38 -25.99
C THR A 244 5.93 -9.03 -24.88
N VAL A 245 6.26 -7.76 -24.80
CA VAL A 245 7.23 -7.18 -23.93
C VAL A 245 6.58 -6.23 -22.91
N ALA A 246 5.23 -6.15 -22.91
CA ALA A 246 4.47 -5.37 -21.93
C ALA A 246 3.09 -5.95 -21.74
N ASP A 247 2.52 -5.70 -20.58
CA ASP A 247 1.08 -5.82 -20.36
C ASP A 247 0.41 -4.59 -20.92
N VAL A 248 -0.81 -4.78 -21.44
CA VAL A 248 -1.69 -3.67 -21.74
C VAL A 248 -2.95 -3.95 -21.03
N VAL A 249 -3.34 -3.04 -20.14
CA VAL A 249 -4.48 -3.21 -19.27
C VAL A 249 -5.48 -2.03 -19.41
N ALA A 250 -6.77 -2.35 -19.44
CA ALA A 250 -7.79 -1.30 -19.48
C ALA A 250 -7.80 -0.55 -18.16
N THR A 251 -7.78 0.78 -18.21
CA THR A 251 -8.07 1.53 -17.00
C THR A 251 -9.51 1.94 -16.93
N THR A 252 -10.24 1.89 -18.05
CA THR A 252 -11.65 2.21 -18.10
C THR A 252 -12.36 1.09 -18.82
N HIS A 253 -13.68 1.16 -18.87
CA HIS A 253 -14.37 0.41 -19.87
C HIS A 253 -13.78 0.79 -21.22
N VAL A 254 -13.29 -0.22 -21.98
CA VAL A 254 -12.64 0.07 -23.25
C VAL A 254 -13.39 -0.69 -24.35
N ILE A 255 -13.55 0.06 -25.46
CA ILE A 255 -14.03 -0.46 -26.74
C ILE A 255 -12.91 -0.23 -27.80
N THR A 256 -12.60 -1.32 -28.51
CA THR A 256 -11.59 -1.41 -29.48
C THR A 256 -12.21 -2.10 -30.70
N ALA A 257 -11.64 -1.85 -31.85
CA ALA A 257 -11.80 -2.70 -33.02
C ALA A 257 -10.57 -3.58 -33.07
N LYS A 258 -10.71 -4.84 -33.46
CA LYS A 258 -9.57 -5.70 -33.40
C LYS A 258 -9.38 -6.45 -34.71
N LEU A 259 -8.09 -6.64 -35.04
CA LEU A 259 -7.58 -7.22 -36.27
C LEU A 259 -6.68 -8.35 -35.87
N ASN A 260 -6.93 -9.49 -36.46
CA ASN A 260 -6.15 -10.67 -36.14
C ASN A 260 -4.78 -10.60 -36.78
N ARG A 261 -3.82 -11.26 -36.11
CA ARG A 261 -2.46 -11.33 -36.62
C ARG A 261 -2.41 -11.88 -38.06
N ARG A 262 -3.26 -12.82 -38.39
CA ARG A 262 -3.13 -13.28 -39.75
C ARG A 262 -3.54 -12.24 -40.78
N HIS A 263 -4.18 -11.17 -40.39
CA HIS A 263 -4.62 -10.21 -41.36
C HIS A 263 -3.75 -8.96 -41.41
N PHE A 264 -2.76 -8.89 -40.52
CA PHE A 264 -2.01 -7.68 -40.24
C PHE A 264 -1.33 -7.12 -41.49
N GLU A 265 -0.53 -7.99 -42.12
CA GLU A 265 0.25 -7.65 -43.30
C GLU A 265 -0.67 -7.39 -44.52
N MET A 266 -1.64 -8.26 -44.78
CA MET A 266 -2.52 -8.04 -45.93
C MET A 266 -3.26 -6.70 -45.86
N CYS A 267 -3.46 -6.16 -44.65
CA CYS A 267 -4.36 -5.03 -44.41
C CYS A 267 -3.67 -3.75 -43.98
N LEU A 268 -2.62 -3.82 -43.16
CA LEU A 268 -1.86 -2.66 -42.72
C LEU A 268 -0.58 -2.45 -43.48
N GLY A 269 -0.31 -3.27 -44.50
CA GLY A 269 0.85 -3.15 -45.35
C GLY A 269 1.32 -1.74 -45.69
N PRO A 270 0.46 -0.88 -46.25
CA PRO A 270 0.93 0.44 -46.71
C PRO A 270 1.16 1.44 -45.59
N VAL A 271 0.87 1.07 -44.33
CA VAL A 271 1.17 1.90 -43.17
C VAL A 271 2.19 1.27 -42.25
N ILE A 272 2.73 0.11 -42.59
CA ILE A 272 3.69 -0.48 -41.67
C ILE A 272 4.75 0.55 -41.27
N ASP A 273 5.20 1.38 -42.23
CA ASP A 273 6.30 2.31 -41.99
C ASP A 273 5.94 3.43 -41.02
N VAL A 274 4.67 3.87 -40.98
CA VAL A 274 4.22 4.70 -39.86
C VAL A 274 4.37 3.93 -38.54
N LEU A 275 3.99 2.63 -38.53
CA LEU A 275 4.11 1.83 -37.31
C LEU A 275 5.55 1.70 -36.85
N LYS A 276 6.46 1.55 -37.79
CA LYS A 276 7.88 1.39 -37.43
C LYS A 276 8.54 2.65 -36.89
N ARG A 277 7.84 3.80 -36.85
CA ARG A 277 8.31 4.99 -36.14
C ARG A 277 8.27 4.79 -34.62
N CYS A 278 7.82 3.59 -34.20
CA CYS A 278 8.15 3.07 -32.88
C CYS A 278 9.65 3.09 -32.63
N ALA A 279 10.48 2.99 -33.64
CA ALA A 279 11.91 3.10 -33.37
C ALA A 279 12.33 4.48 -32.92
N ASP A 280 11.55 5.54 -33.25
CA ASP A 280 11.89 6.94 -32.98
C ASP A 280 11.07 7.62 -31.90
N ASP A 281 9.82 7.31 -31.75
CA ASP A 281 8.97 8.07 -30.85
C ASP A 281 9.42 7.86 -29.40
N PRO A 282 9.49 8.92 -28.59
CA PRO A 282 9.89 8.75 -27.18
C PRO A 282 8.90 8.01 -26.29
N LYS A 283 7.61 7.92 -26.65
CA LYS A 283 6.70 7.04 -25.90
C LYS A 283 7.15 5.58 -25.93
N TYR A 284 8.01 5.22 -26.93
CA TYR A 284 8.54 3.87 -27.16
C TYR A 284 9.97 3.76 -26.67
N GLU A 285 10.37 4.70 -25.82
CA GLU A 285 11.71 4.65 -25.21
C GLU A 285 11.89 3.36 -24.40
N TYR A 286 10.87 2.96 -23.61
CA TYR A 286 10.88 1.67 -22.95
C TYR A 286 11.26 0.58 -23.92
N TYR A 287 10.54 0.52 -25.03
CA TYR A 287 10.76 -0.53 -26.01
C TYR A 287 12.11 -0.37 -26.65
N GLN A 288 12.54 0.88 -26.92
CA GLN A 288 13.88 1.02 -27.47
C GLN A 288 14.88 0.30 -26.56
N ASN A 289 14.76 0.51 -25.25
CA ASN A 289 15.74 -0.07 -24.34
C ASN A 289 15.64 -1.59 -24.31
N VAL A 290 14.42 -2.13 -24.37
CA VAL A 290 14.19 -3.59 -24.48
C VAL A 290 14.89 -4.16 -25.71
N LEU A 291 14.74 -3.50 -26.85
CA LEU A 291 15.31 -4.02 -28.09
C LEU A 291 16.84 -4.06 -28.06
N LYS A 292 17.48 -3.01 -27.53
CA LYS A 292 18.95 -2.97 -27.55
C LYS A 292 19.56 -4.00 -26.58
N THR A 293 18.84 -4.39 -25.52
CA THR A 293 19.30 -5.42 -24.58
C THR A 293 18.80 -6.80 -24.95
N GLY A 294 18.04 -6.91 -26.03
CA GLY A 294 17.56 -8.19 -26.54
C GLY A 294 16.63 -8.96 -25.64
N ALA A 295 15.75 -8.25 -24.91
CA ALA A 295 14.87 -8.88 -23.93
C ALA A 295 13.57 -9.43 -24.50
N ALA A 296 13.53 -10.17 -25.61
CA ALA A 296 12.32 -10.93 -25.96
C ALA A 296 12.58 -12.06 -26.96
N GLN A 297 11.62 -13.11 -26.98
CA GLN A 297 11.74 -14.28 -27.88
C GLN A 297 10.72 -14.26 -29.01
N PRO A 298 11.04 -14.88 -30.15
CA PRO A 298 10.12 -14.91 -31.30
C PRO A 298 8.87 -15.76 -31.08
N SER A 299 7.83 -15.43 -31.85
CA SER A 299 6.53 -16.11 -31.79
C SER A 299 5.92 -16.12 -33.20
N TYR B 21 -14.41 12.69 -4.89
CA TYR B 21 -13.95 12.08 -3.66
C TYR B 21 -12.53 11.55 -3.76
N GLN B 22 -11.68 11.99 -2.84
CA GLN B 22 -10.34 11.44 -2.64
C GLN B 22 -10.31 10.70 -1.31
N ALA B 23 -9.69 9.52 -1.30
CA ALA B 23 -9.69 8.62 -0.16
C ALA B 23 -8.57 8.92 0.83
N PRO B 24 -8.70 8.39 2.06
CA PRO B 24 -7.59 8.44 3.02
C PRO B 24 -6.39 7.64 2.55
N TYR B 25 -5.23 7.96 3.12
CA TYR B 25 -4.02 7.21 2.87
C TYR B 25 -3.37 6.86 4.21
N PHE B 26 -2.94 5.61 4.35
CA PHE B 26 -2.18 5.15 5.50
C PHE B 26 -1.03 4.33 4.95
N GLU B 27 0.20 4.82 5.12
CA GLU B 27 1.34 4.11 4.54
C GLU B 27 1.34 2.67 5.01
N LYS B 28 1.72 1.77 4.12
CA LYS B 28 1.78 0.34 4.39
C LYS B 28 3.16 -0.16 4.02
N SER B 29 3.58 -1.23 4.66
CA SER B 29 4.84 -1.85 4.29
C SER B 29 4.74 -2.48 2.90
N GLU B 30 5.88 -2.51 2.19
CA GLU B 30 5.96 -3.16 0.88
C GLU B 30 5.38 -4.56 0.93
N ASP B 31 5.46 -5.21 2.10
CA ASP B 31 4.92 -6.54 2.27
C ASP B 31 3.41 -6.52 2.54
N GLU B 32 2.91 -5.48 3.21
CA GLU B 32 1.48 -5.34 3.46
C GLU B 32 0.70 -5.06 2.17
N MET B 33 1.16 -4.10 1.37
CA MET B 33 0.46 -3.80 0.12
C MET B 33 0.30 -5.05 -0.73
N ASN B 34 1.37 -5.82 -0.91
CA ASN B 34 1.26 -7.04 -1.70
C ASN B 34 0.26 -8.01 -1.09
N LEU B 35 0.21 -8.09 0.25
CA LEU B 35 -0.81 -8.90 0.91
C LEU B 35 -2.22 -8.37 0.63
N ILE B 36 -2.45 -7.09 0.91
CA ILE B 36 -3.78 -6.50 0.81
C ILE B 36 -4.22 -6.47 -0.67
N THR B 37 -3.30 -6.04 -1.56
CA THR B 37 -3.57 -6.09 -3.00
C THR B 37 -4.05 -7.49 -3.41
N LYS B 38 -3.43 -8.53 -2.84
CA LYS B 38 -3.87 -9.88 -3.16
C LYS B 38 -5.29 -10.12 -2.65
N LEU B 39 -5.63 -9.61 -1.45
CA LEU B 39 -6.97 -9.83 -0.90
C LEU B 39 -8.02 -9.14 -1.75
N LEU B 40 -7.68 -8.00 -2.34
CA LEU B 40 -8.63 -7.24 -3.13
C LEU B 40 -8.86 -7.92 -4.46
N THR B 41 -7.81 -8.41 -5.08
CA THR B 41 -7.93 -8.97 -6.41
C THR B 41 -8.41 -10.42 -6.40
N HIS B 42 -8.64 -11.02 -5.24
CA HIS B 42 -9.28 -12.33 -5.16
C HIS B 42 -10.66 -12.26 -4.56
N ASN B 43 -11.13 -11.08 -4.22
CA ASN B 43 -12.50 -10.87 -3.75
C ASN B 43 -13.37 -10.20 -4.80
N VAL B 44 -14.60 -10.69 -4.93
CA VAL B 44 -15.44 -10.29 -6.04
C VAL B 44 -15.95 -8.85 -5.94
N LEU B 45 -15.87 -8.21 -4.78
CA LEU B 45 -16.37 -6.84 -4.68
C LEU B 45 -15.53 -5.88 -5.49
N PHE B 46 -14.31 -6.24 -5.80
CA PHE B 46 -13.36 -5.36 -6.45
C PHE B 46 -13.00 -5.85 -7.85
N SER B 47 -13.81 -6.76 -8.43
CA SER B 47 -13.39 -7.53 -9.60
C SER B 47 -13.04 -6.63 -10.78
N PHE B 48 -13.84 -5.58 -11.01
CA PHE B 48 -13.78 -4.71 -12.19
C PHE B 48 -13.29 -3.33 -11.80
N LEU B 49 -12.28 -3.28 -10.94
CA LEU B 49 -11.56 -2.06 -10.62
C LEU B 49 -10.20 -2.01 -11.31
N ASN B 50 -9.82 -0.80 -11.80
CA ASN B 50 -8.50 -0.69 -12.40
C ASN B 50 -7.42 -0.76 -11.33
N THR B 51 -6.16 -0.68 -11.79
CA THR B 51 -5.02 -0.81 -10.90
C THR B 51 -4.89 0.41 -10.00
N LYS B 52 -5.28 1.59 -10.50
CA LYS B 52 -5.28 2.79 -9.69
C LYS B 52 -6.20 2.64 -8.48
N ASP B 53 -7.46 2.32 -8.72
CA ASP B 53 -8.41 2.21 -7.62
C ASP B 53 -8.09 1.02 -6.68
N ILE B 54 -7.42 -0.03 -7.17
CA ILE B 54 -6.98 -1.11 -6.30
C ILE B 54 -6.01 -0.55 -5.27
N LYS B 55 -4.81 -0.21 -5.72
CA LYS B 55 -3.82 0.33 -4.82
C LYS B 55 -4.19 1.71 -4.36
N VAL B 56 -5.41 2.18 -4.54
CA VAL B 56 -5.96 3.24 -3.69
C VAL B 56 -6.78 2.64 -2.57
N VAL B 57 -7.71 1.73 -2.87
CA VAL B 57 -8.51 1.15 -1.80
C VAL B 57 -7.61 0.47 -0.77
N ALA B 58 -6.59 -0.26 -1.24
CA ALA B 58 -5.59 -0.87 -0.35
C ALA B 58 -4.78 0.17 0.44
N GLY B 59 -4.58 1.36 -0.14
CA GLY B 59 -3.99 2.44 0.63
C GLY B 59 -4.96 3.02 1.65
N ALA B 60 -6.26 2.81 1.44
CA ALA B 60 -7.31 3.36 2.29
C ALA B 60 -7.69 2.46 3.44
N MET B 61 -7.13 1.27 3.52
CA MET B 61 -7.51 0.31 4.54
CA MET B 61 -7.51 0.31 4.54
C MET B 61 -6.65 0.46 5.80
N GLN B 62 -7.19 -0.09 6.90
CA GLN B 62 -6.53 -0.07 8.20
C GLN B 62 -6.68 -1.44 8.87
N ARG B 63 -5.63 -1.88 9.57
CA ARG B 63 -5.70 -3.14 10.30
C ARG B 63 -6.75 -3.07 11.40
N ALA B 64 -7.37 -4.22 11.68
CA ALA B 64 -8.39 -4.34 12.73
C ALA B 64 -8.47 -5.78 13.21
N THR B 65 -8.20 -6.02 14.49
CA THR B 65 -8.06 -7.36 15.06
C THR B 65 -9.22 -7.68 16.00
N PHE B 66 -9.61 -8.97 16.04
CA PHE B 66 -10.71 -9.45 16.87
C PHE B 66 -10.37 -10.82 17.48
N LYS B 67 -11.00 -11.11 18.61
CA LYS B 67 -10.82 -12.35 19.36
C LYS B 67 -12.12 -13.14 19.40
N HIS B 68 -12.04 -14.40 19.81
CA HIS B 68 -13.24 -15.24 19.94
C HIS B 68 -14.36 -14.50 20.67
N ASP B 69 -15.60 -14.75 20.21
CA ASP B 69 -16.84 -14.19 20.72
C ASP B 69 -16.97 -12.68 20.51
N ASP B 70 -15.89 -12.03 20.08
CA ASP B 70 -15.98 -10.65 19.63
C ASP B 70 -17.01 -10.54 18.51
N CYS B 71 -17.83 -9.50 18.55
CA CYS B 71 -18.76 -9.20 17.47
C CYS B 71 -18.23 -8.03 16.65
N ILE B 72 -17.97 -8.28 15.36
CA ILE B 72 -17.45 -7.29 14.44
C ILE B 72 -18.57 -6.35 14.01
N MET B 73 -19.80 -6.85 14.00
CA MET B 73 -21.02 -6.07 13.78
C MET B 73 -22.18 -6.93 14.25
N GLU B 74 -23.33 -6.32 14.44
CA GLU B 74 -24.46 -7.06 15.01
C GLU B 74 -25.75 -6.69 14.31
N ALA B 75 -26.63 -7.68 14.20
CA ALA B 75 -27.95 -7.46 13.62
C ALA B 75 -28.58 -6.20 14.20
N GLY B 76 -29.15 -5.39 13.31
CA GLY B 76 -29.85 -4.19 13.71
C GLY B 76 -28.93 -3.00 13.60
N GLN B 77 -27.68 -3.20 14.03
CA GLN B 77 -26.68 -2.15 14.08
CA GLN B 77 -26.68 -2.15 14.08
C GLN B 77 -26.70 -1.30 12.82
N THR B 78 -27.06 -0.03 12.98
CA THR B 78 -27.03 0.94 11.92
C THR B 78 -25.75 1.77 11.94
N THR B 79 -24.92 1.63 12.98
CA THR B 79 -23.76 2.49 13.22
C THR B 79 -22.46 1.95 12.63
N CYS B 80 -22.48 0.78 11.99
CA CYS B 80 -21.27 0.23 11.41
C CYS B 80 -21.05 0.83 10.03
N ASN B 81 -21.80 0.35 9.04
CA ASN B 81 -21.73 0.89 7.68
C ASN B 81 -20.30 0.87 7.17
N LYS B 82 -19.64 -0.26 7.38
CA LYS B 82 -18.25 -0.45 6.98
C LYS B 82 -18.14 -1.82 6.32
N LEU B 83 -17.10 -1.99 5.50
CA LEU B 83 -16.78 -3.26 4.86
C LEU B 83 -15.49 -3.82 5.44
N TYR B 84 -15.53 -5.09 5.83
CA TYR B 84 -14.38 -5.81 6.34
C TYR B 84 -14.01 -6.93 5.39
N ILE B 85 -12.72 -7.02 5.11
CA ILE B 85 -12.10 -8.14 4.41
CA ILE B 85 -12.10 -8.14 4.41
C ILE B 85 -11.11 -8.77 5.38
N ILE B 86 -11.10 -10.11 5.43
CA ILE B 86 -10.38 -10.87 6.46
C ILE B 86 -9.02 -11.32 5.92
N GLN B 87 -8.00 -11.23 6.76
CA GLN B 87 -6.68 -11.74 6.39
C GLN B 87 -6.46 -13.16 6.91
N SER B 88 -6.69 -13.36 8.20
CA SER B 88 -6.62 -14.68 8.78
C SER B 88 -7.61 -14.73 9.93
N GLY B 89 -8.21 -15.89 10.10
CA GLY B 89 -9.24 -16.12 11.10
C GLY B 89 -10.62 -16.12 10.48
N HIS B 90 -11.55 -16.73 11.18
CA HIS B 90 -12.87 -17.02 10.66
C HIS B 90 -13.92 -16.34 11.52
N ALA B 91 -15.17 -16.38 11.04
CA ALA B 91 -16.25 -15.66 11.70
C ALA B 91 -17.59 -16.23 11.27
N ASP B 92 -18.51 -16.29 12.23
CA ASP B 92 -19.83 -16.89 12.05
C ASP B 92 -20.84 -15.89 11.52
N ILE B 93 -21.72 -16.36 10.65
CA ILE B 93 -22.93 -15.60 10.28
C ILE B 93 -24.09 -16.23 11.02
N ILE B 94 -24.94 -15.40 11.60
CA ILE B 94 -26.00 -15.85 12.50
C ILE B 94 -27.32 -15.21 12.07
N LYS B 95 -28.27 -16.05 11.62
CA LYS B 95 -29.58 -15.56 11.16
C LYS B 95 -30.71 -16.18 11.97
N GLU B 96 -31.34 -15.39 12.82
CA GLU B 96 -32.41 -15.89 13.68
C GLU B 96 -31.85 -16.96 14.61
N GLY B 97 -30.78 -16.62 15.30
CA GLY B 97 -30.17 -17.58 16.20
C GLY B 97 -29.38 -18.64 15.46
N GLN B 98 -29.95 -19.22 14.40
CA GLN B 98 -29.28 -20.27 13.64
CA GLN B 98 -29.28 -20.27 13.64
C GLN B 98 -27.99 -19.73 13.02
N LYS B 99 -26.95 -20.55 13.04
CA LYS B 99 -25.71 -20.21 12.37
C LYS B 99 -25.87 -20.70 10.93
N VAL B 100 -25.41 -19.89 9.97
CA VAL B 100 -25.72 -20.16 8.56
C VAL B 100 -24.51 -20.09 7.66
N TYR B 101 -23.41 -19.47 8.05
CA TYR B 101 -22.34 -19.34 7.10
C TYR B 101 -21.05 -19.08 7.84
N LEU B 102 -19.96 -19.69 7.37
CA LEU B 102 -18.63 -19.46 7.91
C LEU B 102 -17.77 -18.66 6.92
N LYS B 103 -17.34 -17.47 7.35
CA LYS B 103 -16.54 -16.56 6.55
C LYS B 103 -15.07 -16.74 6.91
N THR B 104 -14.28 -17.17 5.95
CA THR B 104 -12.88 -17.52 6.15
C THR B 104 -12.02 -16.41 5.60
N GLU B 105 -10.73 -16.63 5.51
CA GLU B 105 -9.83 -15.59 5.04
C GLU B 105 -10.07 -15.30 3.56
N GLY B 106 -9.93 -14.03 3.19
CA GLY B 106 -10.17 -13.58 1.84
C GLY B 106 -11.58 -13.10 1.56
N THR B 107 -12.55 -13.47 2.41
CA THR B 107 -13.95 -13.12 2.26
C THR B 107 -14.22 -11.76 2.87
N ALA B 108 -15.46 -11.32 2.76
CA ALA B 108 -15.81 -9.97 3.13
C ALA B 108 -17.07 -9.97 3.96
N VAL B 109 -17.10 -9.09 4.97
CA VAL B 109 -18.31 -8.81 5.74
C VAL B 109 -18.51 -7.30 5.73
N GLY B 110 -19.76 -6.86 5.58
CA GLY B 110 -20.12 -5.47 5.41
C GLY B 110 -20.63 -5.19 4.02
N GLU B 111 -20.53 -6.17 3.11
CA GLU B 111 -20.91 -5.97 1.74
C GLU B 111 -22.40 -5.67 1.60
N LEU B 112 -23.25 -6.40 2.32
CA LEU B 112 -24.68 -6.42 2.05
C LEU B 112 -25.37 -5.13 2.47
N GLU B 113 -24.88 -4.51 3.56
CA GLU B 113 -25.46 -3.27 4.06
C GLU B 113 -25.04 -2.07 3.21
N LEU B 114 -23.76 -1.99 2.79
CA LEU B 114 -23.30 -0.91 1.95
C LEU B 114 -23.96 -0.91 0.57
N MET B 115 -24.25 -2.10 0.02
CA MET B 115 -24.81 -2.19 -1.33
CA MET B 115 -24.81 -2.19 -1.33
C MET B 115 -26.29 -1.84 -1.34
N TYR B 116 -27.04 -2.31 -0.35
CA TYR B 116 -28.46 -2.05 -0.26
C TYR B 116 -28.81 -1.09 0.87
N ASP B 117 -27.80 -0.35 1.39
CA ASP B 117 -27.98 0.57 2.52
CA ASP B 117 -27.98 0.57 2.52
C ASP B 117 -29.13 0.15 3.41
N THR B 118 -28.85 -0.76 4.35
CA THR B 118 -29.85 -1.31 5.26
C THR B 118 -29.11 -1.67 6.55
N PRO B 119 -29.83 -1.84 7.67
CA PRO B 119 -29.15 -2.31 8.89
C PRO B 119 -28.52 -3.68 8.67
N VAL B 120 -27.40 -3.93 9.36
CA VAL B 120 -26.77 -5.24 9.35
C VAL B 120 -27.87 -6.28 9.43
N VAL B 121 -27.84 -7.27 8.52
CA VAL B 121 -28.92 -8.24 8.36
C VAL B 121 -28.78 -9.45 9.29
N ALA B 122 -27.56 -9.78 9.68
CA ALA B 122 -27.24 -10.95 10.47
C ALA B 122 -25.99 -10.58 11.25
N THR B 123 -25.79 -11.22 12.40
CA THR B 123 -24.69 -10.89 13.29
C THR B 123 -23.46 -11.71 12.99
N VAL B 124 -22.31 -11.08 13.20
CA VAL B 124 -21.00 -11.60 12.82
C VAL B 124 -20.17 -11.82 14.08
N LYS B 125 -19.80 -13.07 14.34
CA LYS B 125 -19.13 -13.45 15.59
C LYS B 125 -17.83 -14.17 15.28
N VAL B 126 -16.70 -13.56 15.61
CA VAL B 126 -15.44 -14.27 15.49
C VAL B 126 -15.55 -15.54 16.32
N CYS B 127 -15.28 -16.68 15.69
CA CYS B 127 -15.30 -17.98 16.35
C CYS B 127 -13.92 -18.58 16.36
N THR B 128 -12.89 -17.76 16.20
CA THR B 128 -11.52 -18.25 16.21
C THR B 128 -10.68 -17.47 17.21
N ASP B 129 -9.49 -18.03 17.49
CA ASP B 129 -8.63 -17.50 18.55
C ASP B 129 -8.40 -16.01 18.35
N GLU B 130 -7.97 -15.62 17.14
CA GLU B 130 -7.87 -14.23 16.72
C GLU B 130 -8.32 -14.13 15.28
N LEU B 131 -8.68 -12.92 14.86
CA LEU B 131 -9.03 -12.67 13.45
C LEU B 131 -8.42 -11.34 13.01
N ILE B 132 -7.72 -11.37 11.88
CA ILE B 132 -7.06 -10.18 11.35
C ILE B 132 -7.84 -9.74 10.11
N ALA B 133 -8.32 -8.49 10.14
CA ALA B 133 -9.13 -7.92 9.05
C ALA B 133 -8.43 -6.68 8.49
N TRP B 134 -8.91 -6.21 7.34
CA TRP B 134 -8.54 -4.90 6.84
C TRP B 134 -9.84 -4.16 6.55
N VAL B 135 -9.91 -2.89 6.96
CA VAL B 135 -11.17 -2.15 7.09
C VAL B 135 -11.27 -1.05 6.05
N LEU B 136 -12.41 -1.02 5.35
CA LEU B 136 -12.74 0.05 4.42
C LEU B 136 -14.06 0.65 4.89
N ASP B 137 -14.16 1.97 4.79
CA ASP B 137 -15.31 2.76 5.24
C ASP B 137 -16.36 2.93 4.13
N ARG B 138 -17.61 3.13 4.54
CA ARG B 138 -18.70 3.26 3.58
C ARG B 138 -18.40 4.34 2.53
N ASP B 139 -17.77 5.44 2.97
CA ASP B 139 -17.56 6.57 2.08
C ASP B 139 -16.70 6.20 0.87
N THR B 140 -15.58 5.52 1.10
CA THR B 140 -14.69 5.17 0.00
C THR B 140 -15.27 4.04 -0.84
N TYR B 141 -16.00 3.11 -0.23
CA TYR B 141 -16.59 2.01 -1.00
C TYR B 141 -17.54 2.52 -2.06
N ARG B 142 -18.46 3.40 -1.68
CA ARG B 142 -19.51 3.82 -2.60
C ARG B 142 -19.01 4.68 -3.76
N ASN B 143 -17.86 5.31 -3.61
CA ASN B 143 -17.35 6.31 -4.55
C ASN B 143 -16.28 5.76 -5.51
N LEU B 144 -15.58 4.69 -5.13
CA LEU B 144 -14.50 4.12 -5.91
C LEU B 144 -14.73 2.69 -6.35
N VAL B 145 -15.63 1.97 -5.70
CA VAL B 145 -15.76 0.53 -5.89
C VAL B 145 -17.15 0.21 -6.40
N MET B 146 -18.17 0.49 -5.59
CA MET B 146 -19.53 -0.01 -5.80
C MET B 146 -19.89 -0.02 -7.28
N GLY B 147 -19.59 1.06 -7.96
CA GLY B 147 -19.84 1.14 -9.38
C GLY B 147 -21.26 0.76 -9.71
N THR B 148 -21.38 -0.19 -10.63
CA THR B 148 -22.67 -0.68 -11.11
C THR B 148 -23.03 -2.01 -10.49
N ALA B 149 -22.58 -2.28 -9.26
CA ALA B 149 -22.73 -3.59 -8.64
C ALA B 149 -24.13 -4.16 -8.76
N ILE B 150 -25.13 -3.37 -8.41
CA ILE B 150 -26.48 -3.91 -8.30
C ILE B 150 -27.01 -4.33 -9.66
N ARG B 151 -26.77 -3.53 -10.69
CA ARG B 151 -27.27 -3.85 -12.01
C ARG B 151 -26.58 -5.07 -12.56
N ARG B 152 -25.33 -5.28 -12.19
CA ARG B 152 -24.64 -6.47 -12.65
C ARG B 152 -25.37 -7.71 -12.16
N ARG B 153 -25.72 -7.73 -10.88
CA ARG B 153 -26.61 -8.77 -10.35
C ARG B 153 -27.94 -8.82 -11.10
N GLU B 154 -28.46 -7.67 -11.54
CA GLU B 154 -29.74 -7.68 -12.26
C GLU B 154 -29.62 -8.50 -13.53
N THR B 155 -28.50 -8.29 -14.24
CA THR B 155 -28.26 -8.82 -15.58
C THR B 155 -28.13 -10.34 -15.59
N TYR B 156 -27.45 -10.91 -14.61
CA TYR B 156 -27.08 -12.31 -14.69
C TYR B 156 -27.97 -13.24 -13.85
N ILE B 157 -28.55 -12.81 -12.73
CA ILE B 157 -29.01 -13.78 -11.75
C ILE B 157 -30.08 -14.69 -12.31
N GLN B 158 -30.99 -14.15 -13.10
CA GLN B 158 -32.04 -15.01 -13.66
C GLN B 158 -31.39 -16.11 -14.51
N PHE B 159 -30.34 -15.77 -15.26
CA PHE B 159 -29.61 -16.77 -16.04
C PHE B 159 -28.90 -17.78 -15.13
N LEU B 160 -28.28 -17.34 -14.05
CA LEU B 160 -27.57 -18.32 -13.26
C LEU B 160 -28.54 -19.35 -12.67
N ALA B 161 -29.72 -18.91 -12.19
CA ALA B 161 -30.66 -19.84 -11.56
C ALA B 161 -31.06 -21.01 -12.47
N ASN B 162 -30.93 -20.84 -13.79
CA ASN B 162 -31.18 -21.89 -14.79
C ASN B 162 -29.87 -22.62 -15.27
N VAL B 163 -28.71 -22.35 -14.71
CA VAL B 163 -27.48 -22.99 -15.17
C VAL B 163 -27.34 -24.30 -14.36
N PRO B 164 -27.45 -25.48 -14.95
CA PRO B 164 -27.37 -26.72 -14.15
C PRO B 164 -26.22 -26.86 -13.16
N PHE B 165 -24.98 -26.65 -13.56
CA PHE B 165 -23.92 -26.94 -12.60
C PHE B 165 -23.94 -26.00 -11.43
N LEU B 166 -24.72 -24.92 -11.48
CA LEU B 166 -24.91 -24.01 -10.35
C LEU B 166 -26.09 -24.40 -9.47
N GLY B 167 -26.67 -25.58 -9.65
CA GLY B 167 -27.81 -26.03 -8.84
C GLY B 167 -27.62 -25.93 -7.33
N GLY B 168 -26.40 -26.21 -6.83
CA GLY B 168 -26.08 -26.29 -5.41
C GLY B 168 -25.71 -25.00 -4.78
N LEU B 169 -25.68 -23.90 -5.53
CA LEU B 169 -25.43 -22.57 -4.93
C LEU B 169 -26.72 -21.96 -4.36
N ASP B 170 -26.58 -21.34 -3.18
CA ASP B 170 -27.76 -20.71 -2.65
C ASP B 170 -27.92 -19.37 -3.36
N SER B 171 -29.01 -18.66 -3.02
CA SER B 171 -29.31 -17.37 -3.66
C SER B 171 -28.22 -16.32 -3.39
N TYR B 172 -27.62 -16.35 -2.22
CA TYR B 172 -26.58 -15.38 -1.90
C TYR B 172 -25.30 -15.65 -2.67
N GLU B 173 -24.96 -16.92 -2.80
CA GLU B 173 -23.75 -17.33 -3.50
C GLU B 173 -23.87 -17.13 -5.00
N LYS B 174 -25.06 -17.37 -5.58
CA LYS B 174 -25.23 -16.99 -6.98
C LYS B 174 -25.01 -15.47 -7.19
N LEU B 175 -25.52 -14.64 -6.27
CA LEU B 175 -25.28 -13.21 -6.40
C LEU B 175 -23.80 -12.87 -6.27
N GLN B 176 -23.11 -13.53 -5.33
CA GLN B 176 -21.65 -13.40 -5.14
C GLN B 176 -20.89 -13.73 -6.44
N LEU B 177 -21.30 -14.82 -7.12
CA LEU B 177 -20.80 -15.16 -8.46
C LEU B 177 -21.10 -14.04 -9.47
N ALA B 178 -22.35 -13.55 -9.48
CA ALA B 178 -22.73 -12.52 -10.44
C ALA B 178 -21.86 -11.29 -10.29
N ASP B 179 -21.44 -10.95 -9.08
CA ASP B 179 -20.58 -9.80 -8.90
C ASP B 179 -19.27 -9.87 -9.68
N ALA B 180 -18.79 -11.08 -10.01
CA ALA B 180 -17.51 -11.23 -10.72
C ALA B 180 -17.70 -11.56 -12.21
N LEU B 181 -18.93 -11.58 -12.68
CA LEU B 181 -19.10 -11.94 -14.09
C LEU B 181 -19.04 -10.73 -15.02
N SER B 182 -18.55 -10.98 -16.25
CA SER B 182 -18.64 -10.03 -17.31
C SER B 182 -19.03 -10.82 -18.59
N SER B 183 -19.58 -10.10 -19.59
CA SER B 183 -20.15 -10.68 -20.81
C SER B 183 -19.16 -10.68 -21.96
N GLU B 184 -19.04 -11.82 -22.62
CA GLU B 184 -18.05 -11.98 -23.64
C GLU B 184 -18.65 -12.60 -24.90
N GLU B 185 -18.37 -11.96 -26.08
CA GLU B 185 -18.90 -12.39 -27.35
C GLU B 185 -17.82 -12.87 -28.29
N PHE B 186 -18.23 -13.83 -29.09
CA PHE B 186 -17.31 -14.39 -30.01
C PHE B 186 -17.92 -14.47 -31.39
N SER B 187 -17.07 -14.17 -32.34
CA SER B 187 -17.39 -14.27 -33.73
CA SER B 187 -17.44 -14.28 -33.73
C SER B 187 -17.30 -15.72 -34.20
N PRO B 188 -18.20 -16.22 -35.02
CA PRO B 188 -17.97 -17.54 -35.67
C PRO B 188 -16.52 -17.65 -36.08
N GLY B 189 -15.88 -18.82 -35.83
CA GLY B 189 -14.49 -19.15 -36.18
C GLY B 189 -13.44 -18.60 -35.25
N GLU B 190 -13.86 -17.75 -34.27
CA GLU B 190 -12.92 -17.14 -33.33
C GLU B 190 -12.65 -18.13 -32.22
N TYR B 191 -11.41 -18.25 -31.83
CA TYR B 191 -11.07 -19.08 -30.69
C TYR B 191 -11.47 -18.46 -29.36
N ILE B 192 -12.19 -19.29 -28.55
CA ILE B 192 -12.41 -19.07 -27.12
C ILE B 192 -11.26 -19.59 -26.31
N ILE B 193 -10.76 -20.76 -26.58
CA ILE B 193 -9.55 -21.26 -25.88
C ILE B 193 -8.61 -21.79 -26.91
N HIS B 194 -7.35 -21.47 -26.75
CA HIS B 194 -6.26 -22.11 -27.49
C HIS B 194 -5.59 -23.21 -26.65
N TYR B 195 -5.33 -24.34 -27.33
CA TYR B 195 -4.55 -25.49 -26.85
C TYR B 195 -3.18 -25.03 -26.38
N GLY B 196 -2.64 -25.67 -25.39
CA GLY B 196 -1.28 -25.35 -24.99
C GLY B 196 -1.12 -24.09 -24.19
N GLU B 197 -2.24 -23.44 -23.80
CA GLU B 197 -2.24 -22.15 -23.11
CA GLU B 197 -2.19 -22.15 -23.10
C GLU B 197 -2.55 -22.30 -21.61
N GLU B 198 -2.32 -21.21 -20.84
CA GLU B 198 -2.47 -21.34 -19.40
C GLU B 198 -3.94 -21.50 -18.98
N GLY B 199 -4.82 -20.63 -19.42
CA GLY B 199 -6.18 -20.79 -18.87
C GLY B 199 -6.51 -19.64 -17.87
N GLU B 200 -7.41 -18.68 -18.30
CA GLU B 200 -7.72 -17.46 -17.53
C GLU B 200 -9.21 -17.27 -17.17
N TRP B 201 -10.12 -17.89 -17.91
CA TRP B 201 -11.53 -17.59 -17.79
C TRP B 201 -12.31 -18.88 -17.87
N LEU B 202 -13.37 -18.97 -17.06
CA LEU B 202 -14.41 -20.00 -17.14
C LEU B 202 -15.55 -19.28 -17.84
N TYR B 203 -16.17 -19.95 -18.79
CA TYR B 203 -17.19 -19.39 -19.64
C TYR B 203 -18.48 -20.17 -19.43
N ILE B 204 -19.58 -19.47 -19.31
CA ILE B 204 -20.86 -20.14 -19.33
C ILE B 204 -21.52 -19.72 -20.62
N ILE B 205 -21.75 -20.68 -21.52
CA ILE B 205 -22.40 -20.29 -22.76
C ILE B 205 -23.85 -19.80 -22.44
N MET B 206 -24.19 -18.63 -23.02
CA MET B 206 -25.53 -18.04 -23.03
C MET B 206 -26.21 -18.19 -24.38
N GLU B 207 -25.47 -18.05 -25.47
CA GLU B 207 -26.02 -18.19 -26.80
C GLU B 207 -24.87 -18.64 -27.70
N GLY B 208 -25.22 -19.56 -28.59
CA GLY B 208 -24.41 -19.99 -29.69
C GLY B 208 -23.90 -21.38 -29.46
N THR B 209 -22.99 -21.76 -30.30
CA THR B 209 -22.43 -23.09 -30.27
C THR B 209 -20.90 -23.06 -30.45
N VAL B 210 -20.24 -24.04 -29.74
CA VAL B 210 -18.77 -24.13 -29.72
C VAL B 210 -18.39 -25.54 -30.01
N GLU B 211 -17.18 -25.73 -30.53
CA GLU B 211 -16.65 -27.06 -30.74
C GLU B 211 -15.35 -27.16 -29.93
N VAL B 212 -15.11 -28.33 -29.37
CA VAL B 212 -13.91 -28.57 -28.58
C VAL B 212 -13.02 -29.45 -29.44
N ILE B 213 -11.83 -29.00 -29.71
CA ILE B 213 -10.93 -29.72 -30.61
CA ILE B 213 -10.92 -29.71 -30.61
C ILE B 213 -9.71 -30.18 -29.79
N GLY B 214 -9.55 -31.50 -29.65
CA GLY B 214 -8.42 -32.09 -28.95
C GLY B 214 -7.27 -32.34 -29.90
N ARG B 215 -6.29 -33.15 -29.42
CA ARG B 215 -5.18 -33.61 -30.26
C ARG B 215 -5.10 -35.12 -30.10
N ASP B 216 -5.11 -35.83 -31.22
CA ASP B 216 -5.10 -37.28 -31.25
C ASP B 216 -3.67 -37.78 -31.03
N ALA B 217 -3.46 -39.08 -31.26
CA ALA B 217 -2.19 -39.73 -30.87
C ALA B 217 -1.04 -39.27 -31.77
N ASP B 218 -1.36 -38.97 -33.01
CA ASP B 218 -0.36 -38.39 -33.90
C ASP B 218 -0.25 -36.89 -33.76
N GLY B 219 -0.92 -36.36 -32.75
CA GLY B 219 -0.87 -34.91 -32.48
C GLY B 219 -1.73 -34.09 -33.35
N GLU B 220 -2.67 -34.65 -33.97
CA GLU B 220 -3.50 -33.83 -34.87
C GLU B 220 -4.79 -33.36 -34.19
N PRO B 221 -5.30 -32.20 -34.64
CA PRO B 221 -6.63 -31.75 -34.18
C PRO B 221 -7.66 -32.83 -34.39
N THR B 222 -8.45 -33.09 -33.37
CA THR B 222 -9.58 -34.01 -33.49
C THR B 222 -10.76 -33.43 -32.72
N LYS B 223 -11.93 -33.40 -33.34
CA LYS B 223 -13.12 -32.80 -32.71
C LYS B 223 -13.60 -33.70 -31.58
N VAL B 224 -13.78 -33.12 -30.42
CA VAL B 224 -14.18 -33.90 -29.26
C VAL B 224 -15.70 -33.92 -29.10
N CYS B 225 -16.33 -32.75 -29.06
CA CYS B 225 -17.80 -32.65 -28.91
C CYS B 225 -18.25 -31.25 -29.34
N GLU B 226 -19.51 -30.93 -29.07
CA GLU B 226 -19.98 -29.57 -29.12
C GLU B 226 -20.58 -29.24 -27.76
N PHE B 227 -20.79 -27.92 -27.63
CA PHE B 227 -21.41 -27.36 -26.45
C PHE B 227 -22.35 -26.24 -26.87
N THR B 228 -23.38 -26.03 -26.04
CA THR B 228 -24.38 -25.01 -26.37
C THR B 228 -24.77 -24.33 -25.07
N GLN B 229 -25.91 -23.61 -25.08
CA GLN B 229 -26.34 -22.76 -23.97
C GLN B 229 -26.43 -23.50 -22.64
N GLY B 230 -25.84 -22.91 -21.61
CA GLY B 230 -25.90 -23.49 -20.29
C GLY B 230 -24.75 -24.50 -19.97
N ASP B 231 -24.01 -24.90 -21.02
CA ASP B 231 -22.68 -25.48 -20.89
C ASP B 231 -21.61 -24.41 -20.49
N HIS B 232 -20.51 -24.98 -19.91
CA HIS B 232 -19.33 -24.31 -19.39
C HIS B 232 -18.07 -24.94 -20.05
N ILE B 233 -17.02 -24.12 -20.34
CA ILE B 233 -15.70 -24.55 -20.76
C ILE B 233 -14.70 -23.75 -19.97
N GLY B 234 -13.52 -24.31 -19.82
CA GLY B 234 -12.45 -23.66 -19.03
C GLY B 234 -12.23 -24.32 -17.71
N GLU B 235 -13.14 -25.14 -17.22
CA GLU B 235 -12.99 -25.49 -15.80
C GLU B 235 -11.92 -26.55 -15.58
N LEU B 236 -11.71 -27.42 -16.56
CA LEU B 236 -10.79 -28.58 -16.35
C LEU B 236 -9.39 -28.14 -15.82
N GLU B 237 -8.80 -27.10 -16.47
CA GLU B 237 -7.47 -26.62 -16.17
C GLU B 237 -7.47 -25.95 -14.82
N PHE B 238 -8.61 -25.39 -14.39
CA PHE B 238 -8.71 -24.84 -13.04
C PHE B 238 -8.82 -25.95 -11.98
N LEU B 239 -9.50 -27.07 -12.31
CA LEU B 239 -9.65 -28.14 -11.34
C LEU B 239 -8.31 -28.82 -11.10
N ASN B 240 -7.54 -29.03 -12.14
CA ASN B 240 -6.45 -29.98 -12.05
C ASN B 240 -5.10 -29.36 -12.38
N ASN B 241 -5.03 -28.02 -12.45
CA ASN B 241 -3.80 -27.21 -12.57
C ASN B 241 -2.89 -27.61 -13.72
N HIS B 242 -3.46 -27.52 -14.95
CA HIS B 242 -2.66 -27.83 -16.12
C HIS B 242 -2.99 -26.90 -17.30
N ARG B 243 -2.08 -26.86 -18.24
CA ARG B 243 -2.32 -26.06 -19.42
C ARG B 243 -3.50 -26.67 -20.18
N THR B 244 -4.02 -25.89 -21.10
CA THR B 244 -5.23 -26.34 -21.76
C THR B 244 -4.87 -27.46 -22.73
N VAL B 245 -5.77 -28.42 -22.80
CA VAL B 245 -5.57 -29.63 -23.58
C VAL B 245 -6.55 -29.72 -24.74
N ALA B 246 -7.25 -28.64 -25.03
CA ALA B 246 -8.09 -28.60 -26.18
C ALA B 246 -8.24 -27.17 -26.62
N ASP B 247 -8.48 -26.99 -27.89
CA ASP B 247 -9.08 -25.79 -28.45
C ASP B 247 -10.61 -25.78 -28.22
N VAL B 248 -11.18 -24.61 -27.99
CA VAL B 248 -12.64 -24.38 -28.04
C VAL B 248 -12.89 -23.24 -29.01
N VAL B 249 -13.67 -23.49 -30.06
CA VAL B 249 -13.89 -22.50 -31.10
C VAL B 249 -15.38 -22.24 -31.31
N ALA B 250 -15.74 -20.98 -31.50
CA ALA B 250 -17.10 -20.66 -31.86
C ALA B 250 -17.39 -21.15 -33.30
N THR B 251 -18.54 -21.82 -33.42
CA THR B 251 -19.18 -22.18 -34.69
C THR B 251 -20.29 -21.19 -35.11
N THR B 252 -20.82 -20.40 -34.18
CA THR B 252 -21.75 -19.31 -34.43
C THR B 252 -21.27 -18.07 -33.69
N HIS B 253 -21.94 -16.97 -33.89
CA HIS B 253 -21.82 -15.92 -32.91
C HIS B 253 -22.17 -16.51 -31.57
N VAL B 254 -21.29 -16.29 -30.57
CA VAL B 254 -21.45 -16.84 -29.22
C VAL B 254 -21.51 -15.70 -28.22
N ILE B 255 -22.38 -15.81 -27.27
CA ILE B 255 -22.39 -14.92 -26.16
C ILE B 255 -22.18 -15.76 -24.92
N THR B 256 -21.39 -15.18 -23.99
CA THR B 256 -21.04 -15.87 -22.75
C THR B 256 -21.05 -14.91 -21.58
N ALA B 257 -21.12 -15.55 -20.38
CA ALA B 257 -20.66 -14.94 -19.15
C ALA B 257 -19.33 -15.59 -18.77
N LYS B 258 -18.41 -14.82 -18.24
CA LYS B 258 -17.11 -15.38 -17.95
C LYS B 258 -16.72 -14.94 -16.56
N LEU B 259 -15.94 -15.82 -15.95
CA LEU B 259 -15.43 -15.69 -14.60
C LEU B 259 -13.92 -15.90 -14.65
N ASN B 260 -13.18 -14.94 -14.05
CA ASN B 260 -11.72 -15.00 -14.05
C ASN B 260 -11.24 -16.08 -13.10
N ARG B 261 -10.14 -16.71 -13.49
CA ARG B 261 -9.61 -17.81 -12.69
C ARG B 261 -9.34 -17.39 -11.26
N ARG B 262 -8.96 -16.11 -11.05
CA ARG B 262 -8.63 -15.73 -9.67
C ARG B 262 -9.86 -15.77 -8.76
N HIS B 263 -11.08 -15.86 -9.31
CA HIS B 263 -12.30 -15.85 -8.52
C HIS B 263 -12.92 -17.23 -8.42
N PHE B 264 -12.33 -18.20 -9.11
CA PHE B 264 -12.88 -19.55 -9.28
C PHE B 264 -13.17 -20.22 -7.95
N GLU B 265 -12.13 -20.39 -7.11
CA GLU B 265 -12.34 -21.04 -5.81
C GLU B 265 -13.28 -20.20 -4.92
N MET B 266 -13.06 -18.87 -4.86
CA MET B 266 -13.90 -18.00 -4.05
C MET B 266 -15.36 -18.22 -4.41
N CYS B 267 -15.67 -18.31 -5.69
CA CYS B 267 -17.05 -18.32 -6.15
C CYS B 267 -17.62 -19.71 -6.37
N LEU B 268 -16.88 -20.69 -6.89
CA LEU B 268 -17.48 -21.97 -7.25
C LEU B 268 -16.98 -23.12 -6.39
N GLY B 269 -16.31 -22.83 -5.27
CA GLY B 269 -15.94 -23.83 -4.32
C GLY B 269 -16.96 -24.90 -4.14
N PRO B 270 -18.10 -24.50 -3.71
CA PRO B 270 -19.17 -25.49 -3.40
C PRO B 270 -19.65 -26.33 -4.58
N VAL B 271 -19.19 -26.11 -5.82
CA VAL B 271 -19.57 -26.96 -6.96
C VAL B 271 -18.38 -27.66 -7.58
N ILE B 272 -17.20 -27.61 -6.95
CA ILE B 272 -16.02 -28.28 -7.55
C ILE B 272 -16.34 -29.73 -7.85
N ASP B 273 -16.98 -30.40 -6.88
CA ASP B 273 -17.24 -31.83 -7.05
C ASP B 273 -18.26 -32.14 -8.14
N VAL B 274 -19.25 -31.27 -8.31
CA VAL B 274 -20.10 -31.32 -9.51
C VAL B 274 -19.25 -31.13 -10.77
N LEU B 275 -18.24 -30.25 -10.69
CA LEU B 275 -17.39 -29.98 -11.85
C LEU B 275 -16.53 -31.20 -12.16
N LYS B 276 -16.07 -31.89 -11.12
CA LYS B 276 -15.28 -33.11 -11.26
C LYS B 276 -16.08 -34.32 -11.74
N ARG B 277 -17.43 -34.28 -11.77
CA ARG B 277 -18.17 -35.43 -12.30
CA ARG B 277 -18.19 -35.42 -12.30
C ARG B 277 -18.12 -35.49 -13.83
N CYS B 278 -17.12 -34.83 -14.39
CA CYS B 278 -16.68 -35.11 -15.76
C CYS B 278 -15.93 -36.43 -15.83
N ALA B 279 -15.36 -36.90 -14.72
CA ALA B 279 -14.68 -38.20 -14.68
C ALA B 279 -15.61 -39.33 -15.07
N ASP B 280 -16.91 -39.07 -15.10
CA ASP B 280 -17.91 -40.07 -15.42
C ASP B 280 -18.54 -39.92 -16.82
N ASP B 281 -18.72 -38.68 -17.32
CA ASP B 281 -19.48 -38.43 -18.56
C ASP B 281 -18.68 -38.84 -19.80
N PRO B 282 -19.28 -39.56 -20.74
CA PRO B 282 -18.50 -40.02 -21.91
C PRO B 282 -18.06 -38.90 -22.85
N LYS B 283 -18.71 -37.74 -22.80
CA LYS B 283 -18.25 -36.60 -23.57
C LYS B 283 -16.87 -36.14 -23.14
N TYR B 284 -16.41 -36.50 -21.95
CA TYR B 284 -15.08 -36.19 -21.46
C TYR B 284 -14.13 -37.37 -21.56
N GLU B 285 -14.43 -38.29 -22.46
CA GLU B 285 -13.57 -39.50 -22.59
C GLU B 285 -12.18 -39.10 -23.02
N TYR B 286 -12.13 -38.19 -24.05
CA TYR B 286 -10.87 -37.54 -24.43
C TYR B 286 -10.11 -37.06 -23.17
N TYR B 287 -10.75 -36.23 -22.34
CA TYR B 287 -10.02 -35.73 -21.19
C TYR B 287 -9.66 -36.86 -20.26
N GLN B 288 -10.49 -37.89 -20.19
CA GLN B 288 -10.16 -39.05 -19.40
C GLN B 288 -8.82 -39.59 -19.84
N ASN B 289 -8.57 -39.70 -21.14
CA ASN B 289 -7.27 -40.26 -21.61
C ASN B 289 -6.09 -39.28 -21.35
N VAL B 290 -6.38 -37.97 -21.40
CA VAL B 290 -5.37 -36.98 -21.02
C VAL B 290 -4.90 -37.24 -19.56
N LEU B 291 -5.86 -37.45 -18.64
CA LEU B 291 -5.58 -37.63 -17.21
C LEU B 291 -4.77 -38.91 -16.95
N LYS B 292 -5.18 -40.03 -17.60
CA LYS B 292 -4.46 -41.29 -17.38
C LYS B 292 -3.03 -41.24 -17.92
N THR B 293 -2.76 -40.49 -19.00
CA THR B 293 -1.46 -40.50 -19.59
C THR B 293 -0.60 -39.25 -19.21
N GLY B 294 -1.18 -38.33 -18.42
CA GLY B 294 -0.50 -37.12 -17.96
C GLY B 294 -0.18 -36.16 -19.08
N ALA B 295 -1.05 -36.01 -20.07
CA ALA B 295 -0.71 -35.28 -21.31
C ALA B 295 -0.85 -33.76 -21.21
N ALA B 296 -0.33 -33.15 -20.15
CA ALA B 296 -0.28 -31.71 -20.09
C ALA B 296 0.70 -31.33 -19.01
N GLN B 297 1.13 -30.09 -19.01
CA GLN B 297 2.00 -29.69 -17.90
C GLN B 297 1.30 -28.73 -16.93
N PRO B 298 1.87 -28.52 -15.72
CA PRO B 298 1.22 -27.65 -14.75
C PRO B 298 1.03 -26.22 -15.21
N SER B 299 0.04 -25.62 -14.56
CA SER B 299 -0.32 -24.21 -14.67
C SER B 299 -1.11 -23.89 -13.40
N TYR B 300 -0.63 -22.97 -12.61
CA TYR B 300 -1.19 -22.58 -11.34
C TYR B 300 -1.71 -21.14 -11.46
N VAL B 301 -2.76 -20.81 -10.72
CA VAL B 301 -3.29 -19.46 -10.83
C VAL B 301 -2.28 -18.45 -10.29
N ASP B 302 -2.33 -17.24 -10.83
CA ASP B 302 -1.47 -16.17 -10.36
C ASP B 302 -2.10 -15.46 -9.16
N LYS C 19 39.06 -13.73 8.42
CA LYS C 19 39.42 -13.03 7.19
C LYS C 19 39.22 -13.92 5.96
N LEU C 20 39.10 -15.24 6.17
CA LEU C 20 38.81 -16.19 5.09
C LEU C 20 37.42 -16.78 5.13
N TYR C 21 36.64 -16.54 6.19
CA TYR C 21 35.34 -17.17 6.31
C TYR C 21 34.34 -16.41 5.48
N GLN C 22 33.67 -17.11 4.56
CA GLN C 22 32.53 -16.56 3.87
C GLN C 22 31.27 -17.20 4.41
N ALA C 23 30.31 -16.37 4.81
CA ALA C 23 29.12 -16.94 5.40
C ALA C 23 28.15 -17.31 4.31
N PRO C 24 27.17 -18.13 4.63
CA PRO C 24 26.09 -18.36 3.66
C PRO C 24 25.33 -17.06 3.43
N TYR C 25 24.76 -16.95 2.23
CA TYR C 25 23.96 -15.80 1.87
C TYR C 25 22.66 -16.20 1.23
N PHE C 26 21.58 -15.62 1.75
CA PHE C 26 20.24 -15.77 1.20
C PHE C 26 19.66 -14.38 1.16
N GLU C 27 19.42 -13.88 -0.07
CA GLU C 27 18.88 -12.55 -0.26
C GLU C 27 17.58 -12.37 0.51
N LYS C 28 17.40 -11.18 1.05
CA LYS C 28 16.21 -10.86 1.82
C LYS C 28 15.57 -9.65 1.18
N SER C 29 14.27 -9.52 1.33
CA SER C 29 13.62 -8.29 0.91
C SER C 29 14.08 -7.15 1.78
N GLU C 30 14.05 -5.95 1.23
CA GLU C 30 14.47 -4.80 2.02
C GLU C 30 13.78 -4.76 3.38
N ASP C 31 12.55 -5.28 3.48
CA ASP C 31 11.84 -5.25 4.75
C ASP C 31 12.25 -6.37 5.71
N GLU C 32 12.64 -7.55 5.20
CA GLU C 32 13.24 -8.59 6.03
C GLU C 32 14.56 -8.10 6.65
N MET C 33 15.44 -7.53 5.81
CA MET C 33 16.71 -6.98 6.30
C MET C 33 16.51 -5.97 7.41
N ASN C 34 15.60 -5.04 7.20
CA ASN C 34 15.40 -4.00 8.19
C ASN C 34 14.97 -4.58 9.54
N LEU C 35 14.03 -5.54 9.52
CA LEU C 35 13.58 -6.22 10.72
C LEU C 35 14.69 -7.04 11.35
N ILE C 36 15.37 -7.86 10.54
CA ILE C 36 16.41 -8.73 11.09
C ILE C 36 17.51 -7.91 11.73
N THR C 37 17.98 -6.84 11.03
CA THR C 37 18.93 -5.91 11.62
C THR C 37 18.46 -5.48 13.00
N LYS C 38 17.17 -5.16 13.13
CA LYS C 38 16.62 -4.69 14.39
C LYS C 38 16.65 -5.80 15.45
N LEU C 39 16.35 -7.05 15.06
CA LEU C 39 16.40 -8.11 16.04
C LEU C 39 17.83 -8.30 16.52
N LEU C 40 18.78 -8.11 15.64
CA LEU C 40 20.16 -8.37 15.97
C LEU C 40 20.72 -7.25 16.85
N THR C 41 20.41 -6.02 16.53
CA THR C 41 21.03 -4.96 17.31
C THR C 41 20.39 -4.80 18.67
N HIS C 42 19.31 -5.53 18.99
CA HIS C 42 18.77 -5.49 20.35
C HIS C 42 18.98 -6.76 21.10
N ASN C 43 19.53 -7.77 20.45
CA ASN C 43 19.88 -9.03 21.08
C ASN C 43 21.35 -9.00 21.46
N VAL C 44 21.63 -9.41 22.69
CA VAL C 44 22.93 -9.15 23.28
C VAL C 44 24.02 -10.00 22.66
N LEU C 45 23.66 -11.06 21.92
CA LEU C 45 24.71 -11.87 21.32
C LEU C 45 25.46 -11.14 20.23
N PHE C 46 24.90 -10.06 19.65
CA PHE C 46 25.46 -9.34 18.51
C PHE C 46 25.93 -7.93 18.91
N SER C 47 26.13 -7.70 20.22
CA SER C 47 26.29 -6.32 20.75
C SER C 47 27.48 -5.60 20.12
N PHE C 48 28.62 -6.28 20.02
CA PHE C 48 29.87 -5.68 19.62
C PHE C 48 30.31 -6.15 18.20
N LEU C 49 29.37 -6.15 17.23
CA LEU C 49 29.66 -6.46 15.83
C LEU C 49 29.69 -5.19 15.01
N ASN C 50 30.61 -5.08 14.06
CA ASN C 50 30.54 -3.83 13.32
C ASN C 50 29.32 -3.83 12.43
N THR C 51 29.18 -2.74 11.68
CA THR C 51 28.00 -2.58 10.85
C THR C 51 28.00 -3.56 9.69
N LYS C 52 29.20 -3.90 9.21
CA LYS C 52 29.35 -4.87 8.15
C LYS C 52 28.88 -6.25 8.58
N ASP C 53 29.36 -6.73 9.73
CA ASP C 53 29.06 -8.07 10.21
C ASP C 53 27.59 -8.21 10.64
N ILE C 54 26.94 -7.12 11.11
CA ILE C 54 25.51 -7.15 11.35
C ILE C 54 24.80 -7.45 10.04
N LYS C 55 25.16 -6.74 8.97
CA LYS C 55 24.55 -6.99 7.68
C LYS C 55 24.95 -8.36 7.09
N VAL C 56 26.11 -8.90 7.44
CA VAL C 56 26.43 -10.25 6.95
C VAL C 56 25.53 -11.26 7.62
N VAL C 57 25.40 -11.17 8.95
CA VAL C 57 24.66 -12.17 9.74
C VAL C 57 23.22 -12.24 9.31
N ALA C 58 22.59 -11.09 9.14
CA ALA C 58 21.20 -11.03 8.67
C ALA C 58 21.05 -11.71 7.31
N GLY C 59 22.08 -11.60 6.47
CA GLY C 59 22.11 -12.21 5.16
C GLY C 59 22.29 -13.70 5.16
N ALA C 60 22.85 -14.25 6.24
CA ALA C 60 23.07 -15.66 6.39
C ALA C 60 21.93 -16.36 7.11
N MET C 61 20.99 -15.62 7.66
CA MET C 61 19.97 -16.24 8.48
CA MET C 61 19.97 -16.23 8.48
C MET C 61 18.83 -16.76 7.61
N GLN C 62 18.15 -17.75 8.11
CA GLN C 62 16.98 -18.25 7.40
C GLN C 62 15.75 -18.23 8.30
N ARG C 63 14.62 -17.84 7.71
CA ARG C 63 13.34 -17.85 8.37
C ARG C 63 12.97 -19.27 8.76
N ALA C 64 12.27 -19.40 9.88
CA ALA C 64 11.87 -20.73 10.33
C ALA C 64 10.64 -20.63 11.21
N THR C 65 9.55 -21.24 10.76
CA THR C 65 8.24 -21.14 11.39
C THR C 65 7.88 -22.48 12.03
N PHE C 66 7.17 -22.38 13.14
CA PHE C 66 6.84 -23.51 14.00
C PHE C 66 5.40 -23.35 14.50
N LYS C 67 4.82 -24.45 14.98
CA LYS C 67 3.47 -24.44 15.52
C LYS C 67 3.46 -24.78 17.01
N HIS C 68 2.36 -24.44 17.67
CA HIS C 68 2.17 -24.78 19.08
C HIS C 68 2.63 -26.21 19.30
N ASP C 69 3.23 -26.42 20.45
CA ASP C 69 3.70 -27.73 20.86
C ASP C 69 4.88 -28.25 20.04
N ASP C 70 5.21 -27.62 18.92
CA ASP C 70 6.45 -27.98 18.24
C ASP C 70 7.63 -27.75 19.19
N CYS C 71 8.56 -28.71 19.25
CA CYS C 71 9.79 -28.54 20.00
C CYS C 71 10.92 -28.26 19.02
N ILE C 72 11.53 -27.07 19.14
CA ILE C 72 12.61 -26.60 18.27
C ILE C 72 13.92 -27.34 18.59
N MET C 73 14.08 -27.80 19.83
CA MET C 73 15.21 -28.63 20.23
C MET C 73 14.83 -29.29 21.53
N GLU C 74 15.56 -30.33 21.88
CA GLU C 74 15.26 -31.13 23.06
C GLU C 74 16.55 -31.46 23.77
N ALA C 75 16.47 -31.41 25.09
CA ALA C 75 17.62 -31.74 25.94
C ALA C 75 18.23 -33.06 25.49
N GLY C 76 19.54 -33.06 25.34
CA GLY C 76 20.28 -34.22 24.87
C GLY C 76 20.65 -34.09 23.41
N GLN C 77 19.67 -33.81 22.54
CA GLN C 77 19.92 -33.65 21.11
CA GLN C 77 19.92 -33.65 21.11
C GLN C 77 21.26 -32.98 20.84
N THR C 78 22.31 -33.78 20.58
CA THR C 78 23.61 -33.21 20.27
C THR C 78 23.62 -32.52 18.91
N THR C 79 22.65 -32.83 18.05
CA THR C 79 22.68 -32.48 16.64
C THR C 79 21.93 -31.19 16.31
N CYS C 80 21.82 -30.25 17.26
CA CYS C 80 21.14 -28.97 16.99
C CYS C 80 22.03 -28.05 16.16
N ASN C 81 23.10 -27.50 16.77
CA ASN C 81 24.09 -26.66 16.04
C ASN C 81 23.45 -25.47 15.31
N LYS C 82 22.41 -24.89 15.88
CA LYS C 82 21.72 -23.77 15.24
C LYS C 82 21.31 -22.76 16.30
N LEU C 83 21.31 -21.48 15.91
CA LEU C 83 20.86 -20.40 16.75
C LEU C 83 19.60 -19.76 16.18
N TYR C 84 18.59 -19.61 17.03
CA TYR C 84 17.30 -19.04 16.68
C TYR C 84 17.03 -17.72 17.42
N ILE C 85 16.70 -16.67 16.69
CA ILE C 85 16.31 -15.41 17.31
C ILE C 85 14.82 -15.26 17.03
N ILE C 86 14.01 -15.14 18.08
CA ILE C 86 12.56 -15.17 17.89
C ILE C 86 12.12 -13.84 17.29
N GLN C 87 11.31 -13.93 16.22
CA GLN C 87 10.68 -12.76 15.60
C GLN C 87 9.30 -12.50 16.17
N SER C 88 8.48 -13.54 16.23
CA SER C 88 7.11 -13.46 16.72
C SER C 88 6.81 -14.77 17.41
N GLY C 89 6.06 -14.69 18.50
CA GLY C 89 5.70 -15.86 19.24
C GLY C 89 6.62 -16.06 20.43
N HIS C 90 6.17 -16.94 21.31
CA HIS C 90 6.82 -17.21 22.58
C HIS C 90 7.15 -18.69 22.60
N ALA C 91 7.87 -19.10 23.63
CA ALA C 91 8.27 -20.49 23.75
C ALA C 91 8.67 -20.74 25.17
N ASP C 92 8.35 -21.96 25.66
CA ASP C 92 8.68 -22.39 27.02
C ASP C 92 10.10 -22.93 27.01
N ILE C 93 10.83 -22.67 28.07
CA ILE C 93 12.08 -23.37 28.33
C ILE C 93 11.76 -24.38 29.40
N ILE C 94 12.17 -25.62 29.18
CA ILE C 94 11.76 -26.75 29.98
C ILE C 94 13.02 -27.46 30.44
N LYS C 95 13.29 -27.44 31.75
CA LYS C 95 14.48 -28.08 32.32
C LYS C 95 14.03 -29.13 33.30
N GLU C 96 14.18 -30.40 32.91
CA GLU C 96 13.79 -31.52 33.75
C GLU C 96 12.30 -31.44 34.11
N GLY C 97 11.48 -31.36 33.06
CA GLY C 97 10.03 -31.38 33.18
C GLY C 97 9.36 -30.11 33.68
N GLN C 98 10.08 -29.22 34.38
CA GLN C 98 9.48 -28.00 34.92
CA GLN C 98 9.48 -28.00 34.92
C GLN C 98 9.57 -26.86 33.91
N LYS C 99 8.55 -26.01 33.91
CA LYS C 99 8.64 -24.77 33.15
C LYS C 99 9.52 -23.82 33.96
N VAL C 100 10.47 -23.17 33.30
CA VAL C 100 11.49 -22.41 34.01
C VAL C 100 11.70 -21.03 33.44
N TYR C 101 11.38 -20.81 32.17
CA TYR C 101 11.63 -19.51 31.59
C TYR C 101 10.81 -19.43 30.32
N LEU C 102 10.26 -18.25 30.09
CA LEU C 102 9.54 -17.87 28.87
C LEU C 102 10.39 -16.97 27.96
N LYS C 103 10.62 -17.45 26.72
CA LYS C 103 11.41 -16.78 25.67
C LYS C 103 10.47 -16.05 24.72
N THR C 104 10.54 -14.73 24.69
CA THR C 104 9.64 -13.93 23.86
C THR C 104 10.37 -13.33 22.64
N GLU C 105 9.69 -12.45 21.92
CA GLU C 105 10.20 -11.95 20.65
C GLU C 105 11.48 -11.12 20.86
N GLY C 106 12.40 -11.21 19.91
CA GLY C 106 13.68 -10.53 20.03
C GLY C 106 14.76 -11.34 20.75
N THR C 107 14.39 -12.39 21.50
CA THR C 107 15.30 -13.24 22.26
C THR C 107 15.86 -14.38 21.39
N ALA C 108 16.73 -15.19 21.98
CA ALA C 108 17.49 -16.18 21.22
C ALA C 108 17.43 -17.52 21.93
N VAL C 109 17.36 -18.61 21.17
CA VAL C 109 17.49 -19.95 21.72
C VAL C 109 18.58 -20.68 20.94
N GLY C 110 19.35 -21.51 21.64
CA GLY C 110 20.47 -22.22 21.04
C GLY C 110 21.84 -21.67 21.39
N GLU C 111 21.94 -20.52 22.06
CA GLU C 111 23.28 -19.93 22.26
C GLU C 111 24.09 -20.68 23.31
N LEU C 112 23.49 -21.21 24.35
CA LEU C 112 24.31 -21.84 25.37
C LEU C 112 25.08 -23.03 24.79
N GLU C 113 24.50 -23.77 23.81
CA GLU C 113 25.16 -24.94 23.19
C GLU C 113 26.21 -24.54 22.16
N LEU C 114 25.93 -23.49 21.37
CA LEU C 114 26.91 -22.99 20.41
C LEU C 114 28.06 -22.31 21.10
N MET C 115 27.83 -21.83 22.32
CA MET C 115 28.84 -21.08 23.03
CA MET C 115 28.85 -21.08 23.01
C MET C 115 29.75 -21.98 23.84
N TYR C 116 29.16 -22.97 24.53
CA TYR C 116 29.91 -23.90 25.35
C TYR C 116 29.97 -25.33 24.77
N ASP C 117 29.77 -25.50 23.47
CA ASP C 117 29.65 -26.81 22.85
CA ASP C 117 29.65 -26.82 22.85
C ASP C 117 29.19 -27.87 23.85
N THR C 118 27.89 -27.94 24.09
CA THR C 118 27.23 -28.86 24.99
C THR C 118 26.07 -29.48 24.25
N PRO C 119 25.55 -30.62 24.73
CA PRO C 119 24.27 -31.09 24.20
C PRO C 119 23.24 -30.07 24.62
N VAL C 120 22.22 -29.92 23.79
CA VAL C 120 21.11 -29.05 24.19
C VAL C 120 20.84 -29.29 25.68
N VAL C 121 20.75 -28.22 26.48
CA VAL C 121 20.60 -28.33 27.94
C VAL C 121 19.12 -28.41 28.40
N ALA C 122 18.20 -27.83 27.64
CA ALA C 122 16.82 -27.71 28.01
C ALA C 122 15.98 -27.76 26.75
N THR C 123 14.74 -28.20 26.87
CA THR C 123 13.89 -28.30 25.69
C THR C 123 13.11 -27.02 25.49
N VAL C 124 12.87 -26.69 24.22
CA VAL C 124 12.20 -25.48 23.78
C VAL C 124 10.93 -25.89 23.06
N LYS C 125 9.80 -25.39 23.54
CA LYS C 125 8.49 -25.78 23.03
C LYS C 125 7.69 -24.51 22.74
N VAL C 126 7.32 -24.29 21.47
CA VAL C 126 6.48 -23.16 21.09
C VAL C 126 5.17 -23.27 21.83
N CYS C 127 4.83 -22.22 22.60
CA CYS C 127 3.58 -22.20 23.36
C CYS C 127 2.62 -21.16 22.83
N THR C 128 2.79 -20.78 21.57
CA THR C 128 1.84 -19.96 20.85
C THR C 128 1.48 -20.71 19.58
N ASP C 129 0.38 -20.32 18.96
CA ASP C 129 -0.11 -21.07 17.80
C ASP C 129 0.94 -21.12 16.69
N GLU C 130 1.61 -20.00 16.41
CA GLU C 130 2.76 -19.99 15.52
C GLU C 130 3.88 -19.16 16.14
N LEU C 131 5.09 -19.44 15.66
CA LEU C 131 6.31 -18.71 16.05
C LEU C 131 7.21 -18.52 14.83
N ILE C 132 7.64 -17.29 14.55
CA ILE C 132 8.53 -16.99 13.44
C ILE C 132 9.90 -16.70 14.05
N ALA C 133 10.90 -17.46 13.63
CA ALA C 133 12.27 -17.31 14.10
C ALA C 133 13.19 -17.08 12.91
N TRP C 134 14.41 -16.64 13.19
CA TRP C 134 15.45 -16.55 12.17
C TRP C 134 16.71 -17.29 12.60
N VAL C 135 17.22 -18.07 11.67
CA VAL C 135 18.11 -19.18 11.97
C VAL C 135 19.53 -18.88 11.49
N LEU C 136 20.49 -19.06 12.40
CA LEU C 136 21.88 -18.90 12.07
C LEU C 136 22.55 -20.24 12.36
N ASP C 137 23.49 -20.64 11.48
CA ASP C 137 24.26 -21.88 11.60
C ASP C 137 25.49 -21.79 12.51
N ARG C 138 25.85 -22.92 13.10
CA ARG C 138 26.96 -22.95 14.06
C ARG C 138 28.25 -22.36 13.49
N ASP C 139 28.61 -22.69 12.26
CA ASP C 139 29.87 -22.18 11.72
C ASP C 139 29.86 -20.66 11.64
N THR C 140 28.72 -20.06 11.23
CA THR C 140 28.66 -18.60 11.14
C THR C 140 28.66 -17.98 12.53
N TYR C 141 27.99 -18.61 13.49
CA TYR C 141 28.01 -18.08 14.83
C TYR C 141 29.43 -18.16 15.43
N ARG C 142 30.09 -19.31 15.31
CA ARG C 142 31.41 -19.45 15.95
C ARG C 142 32.48 -18.55 15.29
N ASN C 143 32.33 -18.22 14.01
CA ASN C 143 33.42 -17.60 13.27
C ASN C 143 33.29 -16.11 13.07
N LEU C 144 32.16 -15.55 13.27
CA LEU C 144 31.94 -14.14 12.99
CA LEU C 144 31.94 -14.14 12.98
C LEU C 144 31.34 -13.38 14.17
N VAL C 145 30.47 -14.03 14.93
CA VAL C 145 29.79 -13.42 16.07
C VAL C 145 30.58 -13.65 17.36
N MET C 146 30.71 -14.92 17.75
CA MET C 146 31.12 -15.30 19.09
C MET C 146 32.24 -14.46 19.65
N GLY C 147 33.33 -14.35 18.91
CA GLY C 147 34.49 -13.61 19.36
C GLY C 147 35.01 -14.00 20.75
N THR C 148 35.11 -12.99 21.62
CA THR C 148 35.59 -13.13 23.00
C THR C 148 34.44 -13.27 24.00
N ALA C 149 33.30 -13.81 23.57
CA ALA C 149 32.08 -13.90 24.37
C ALA C 149 32.35 -14.50 25.74
N ILE C 150 33.01 -15.67 25.78
CA ILE C 150 33.21 -16.36 27.06
C ILE C 150 34.10 -15.53 27.96
N ARG C 151 35.14 -14.92 27.40
CA ARG C 151 36.00 -14.06 28.19
C ARG C 151 35.22 -12.88 28.73
N ARG C 152 34.31 -12.32 27.92
CA ARG C 152 33.55 -11.17 28.40
C ARG C 152 32.70 -11.56 29.63
N ARG C 153 32.06 -12.73 29.60
CA ARG C 153 31.42 -13.25 30.82
C ARG C 153 32.38 -13.42 31.99
N GLU C 154 33.64 -13.83 31.72
CA GLU C 154 34.63 -14.07 32.77
C GLU C 154 34.95 -12.77 33.52
N THR C 155 35.09 -11.70 32.75
CA THR C 155 35.53 -10.41 33.24
C THR C 155 34.53 -9.77 34.19
N TYR C 156 33.25 -9.93 33.89
CA TYR C 156 32.22 -9.21 34.60
C TYR C 156 31.47 -10.07 35.61
N ILE C 157 31.38 -11.39 35.44
CA ILE C 157 30.31 -12.11 36.12
C ILE C 157 30.46 -12.01 37.63
N GLN C 158 31.68 -12.08 38.14
CA GLN C 158 31.82 -11.99 39.58
C GLN C 158 31.34 -10.62 40.08
N PHE C 159 31.73 -9.55 39.39
CA PHE C 159 31.35 -8.18 39.74
C PHE C 159 29.83 -7.97 39.72
N LEU C 160 29.15 -8.54 38.76
CA LEU C 160 27.70 -8.32 38.69
C LEU C 160 27.00 -8.96 39.88
N ALA C 161 27.46 -10.15 40.27
CA ALA C 161 26.92 -10.88 41.40
C ALA C 161 26.97 -10.11 42.71
N ASN C 162 27.83 -9.08 42.80
CA ASN C 162 27.95 -8.23 44.00
C ASN C 162 27.20 -6.89 43.85
N VAL C 163 26.54 -6.63 42.73
CA VAL C 163 25.95 -5.34 42.44
C VAL C 163 24.51 -5.32 43.00
N PRO C 164 24.21 -4.51 44.01
CA PRO C 164 22.86 -4.61 44.68
C PRO C 164 21.60 -4.57 43.80
N PHE C 165 21.50 -3.65 42.84
CA PHE C 165 20.26 -3.56 42.07
C PHE C 165 20.10 -4.73 41.15
N LEU C 166 21.13 -5.53 40.97
CA LEU C 166 21.03 -6.74 40.18
C LEU C 166 20.69 -7.96 41.04
N GLY C 167 20.30 -7.74 42.29
CA GLY C 167 19.93 -8.83 43.18
C GLY C 167 18.95 -9.84 42.60
N GLY C 168 17.94 -9.37 41.86
CA GLY C 168 16.86 -10.23 41.37
C GLY C 168 17.12 -10.96 40.10
N LEU C 169 18.28 -10.79 39.44
CA LEU C 169 18.58 -11.57 38.22
C LEU C 169 19.17 -12.94 38.58
N ASP C 170 18.68 -13.99 37.90
CA ASP C 170 19.26 -15.32 38.16
C ASP C 170 20.55 -15.41 37.37
N SER C 171 21.25 -16.55 37.47
CA SER C 171 22.61 -16.65 36.94
C SER C 171 22.67 -16.48 35.43
N TYR C 172 21.70 -17.02 34.71
CA TYR C 172 21.75 -16.88 33.27
C TYR C 172 21.58 -15.43 32.87
N GLU C 173 20.68 -14.74 33.57
CA GLU C 173 20.35 -13.38 33.21
C GLU C 173 21.52 -12.47 33.48
N LYS C 174 22.22 -12.65 34.60
CA LYS C 174 23.44 -11.85 34.78
C LYS C 174 24.47 -12.15 33.70
N LEU C 175 24.58 -13.42 33.26
CA LEU C 175 25.50 -13.69 32.16
C LEU C 175 25.05 -12.97 30.89
N GLN C 176 23.74 -13.04 30.60
CA GLN C 176 23.15 -12.32 29.47
C GLN C 176 23.48 -10.83 29.54
N LEU C 177 23.39 -10.25 30.74
CA LEU C 177 23.82 -8.85 30.89
C LEU C 177 25.28 -8.70 30.51
N ALA C 178 26.12 -9.62 30.98
CA ALA C 178 27.55 -9.48 30.69
C ALA C 178 27.85 -9.45 29.18
N ASP C 179 27.09 -10.19 28.35
CA ASP C 179 27.36 -10.23 26.90
C ASP C 179 27.30 -8.86 26.26
N ALA C 180 26.56 -7.92 26.87
CA ALA C 180 26.38 -6.60 26.32
C ALA C 180 27.21 -5.53 27.09
N LEU C 181 28.04 -5.95 28.06
CA LEU C 181 28.75 -4.92 28.82
C LEU C 181 30.11 -4.62 28.19
N SER C 182 30.58 -3.36 28.36
CA SER C 182 31.95 -3.01 28.03
C SER C 182 32.54 -2.02 29.07
N SER C 183 33.86 -1.94 29.11
CA SER C 183 34.54 -1.21 30.18
C SER C 183 34.92 0.14 29.66
N GLU C 184 34.62 1.18 30.42
CA GLU C 184 34.88 2.55 29.98
C GLU C 184 35.45 3.33 31.15
N GLU C 185 36.55 4.01 30.93
CA GLU C 185 37.27 4.76 31.94
C GLU C 185 37.10 6.23 31.62
N PHE C 186 37.22 7.05 32.67
CA PHE C 186 37.08 8.47 32.75
C PHE C 186 38.16 9.02 33.69
N SER C 187 38.84 10.11 33.33
CA SER C 187 39.77 10.75 34.25
C SER C 187 39.08 11.75 35.16
N PRO C 188 39.78 12.12 36.22
CA PRO C 188 39.28 13.12 37.13
C PRO C 188 38.78 14.30 36.32
N GLY C 189 37.58 14.80 36.67
CA GLY C 189 37.04 15.97 36.01
C GLY C 189 36.44 15.72 34.63
N GLU C 190 36.52 14.46 34.10
CA GLU C 190 35.86 14.14 32.83
C GLU C 190 34.37 13.90 33.07
N TYR C 191 33.55 14.47 32.21
CA TYR C 191 32.12 14.24 32.26
C TYR C 191 31.81 12.82 31.76
N ILE C 192 31.12 12.08 32.63
CA ILE C 192 30.42 10.82 32.26
C ILE C 192 29.07 11.11 31.61
N ILE C 193 28.34 12.05 32.17
CA ILE C 193 27.07 12.51 31.55
C ILE C 193 26.99 14.03 31.58
N HIS C 194 26.53 14.63 30.48
CA HIS C 194 26.18 16.05 30.41
C HIS C 194 24.65 16.29 30.54
N TYR C 195 24.30 17.36 31.29
CA TYR C 195 22.95 17.94 31.41
C TYR C 195 22.35 18.22 30.04
N GLY C 196 21.03 18.06 29.89
CA GLY C 196 20.43 18.46 28.64
C GLY C 196 20.61 17.52 27.48
N GLU C 197 21.11 16.29 27.64
CA GLU C 197 21.41 15.44 26.49
CA GLU C 197 21.41 15.44 26.49
C GLU C 197 20.51 14.20 26.50
N GLU C 198 20.59 13.40 25.42
CA GLU C 198 19.62 12.33 25.23
C GLU C 198 19.84 11.11 26.14
N GLY C 199 21.09 10.73 26.38
CA GLY C 199 21.31 9.62 27.31
C GLY C 199 21.59 8.31 26.55
N GLU C 200 22.81 7.72 26.49
CA GLU C 200 22.94 6.49 25.69
C GLU C 200 23.46 5.26 26.45
N TRP C 201 23.91 5.43 27.70
CA TRP C 201 24.63 4.39 28.40
C TRP C 201 24.19 4.36 29.85
N LEU C 202 24.04 3.18 30.41
CA LEU C 202 23.85 3.04 31.84
C LEU C 202 25.21 2.58 32.38
N TYR C 203 25.67 3.14 33.48
CA TYR C 203 27.00 2.81 33.94
C TYR C 203 26.96 2.14 35.29
N ILE C 204 27.78 1.14 35.50
CA ILE C 204 27.94 0.60 36.84
C ILE C 204 29.34 0.93 37.27
N ILE C 205 29.45 1.76 38.32
CA ILE C 205 30.79 2.12 38.80
C ILE C 205 31.44 0.87 39.41
N MET C 206 32.65 0.57 38.94
CA MET C 206 33.50 -0.48 39.47
C MET C 206 34.62 0.09 40.35
N GLU C 207 35.17 1.24 40.03
CA GLU C 207 36.23 1.92 40.75
C GLU C 207 36.06 3.42 40.60
N GLY C 208 36.27 4.17 41.67
CA GLY C 208 36.30 5.64 41.65
C GLY C 208 35.05 6.29 42.21
N THR C 209 35.06 7.62 42.11
CA THR C 209 33.99 8.45 42.62
C THR C 209 33.58 9.52 41.61
N VAL C 210 32.25 9.72 41.56
CA VAL C 210 31.56 10.55 40.58
C VAL C 210 30.69 11.46 41.39
N GLU C 211 30.41 12.61 40.83
CA GLU C 211 29.53 13.58 41.43
C GLU C 211 28.43 13.85 40.43
N VAL C 212 27.23 14.10 40.97
CA VAL C 212 26.03 14.36 40.20
C VAL C 212 25.68 15.82 40.45
N ILE C 213 25.53 16.60 39.40
CA ILE C 213 25.38 18.05 39.54
CA ILE C 213 25.38 18.05 39.53
C ILE C 213 24.09 18.44 38.82
N GLY C 214 23.11 18.88 39.57
CA GLY C 214 21.82 19.26 39.03
C GLY C 214 21.84 20.72 38.58
N ARG C 215 20.63 21.27 38.47
CA ARG C 215 20.42 22.69 38.28
C ARG C 215 19.37 23.14 39.29
N ASP C 216 19.69 24.18 40.09
CA ASP C 216 18.75 24.75 41.06
C ASP C 216 17.75 25.67 40.32
N ALA C 217 16.96 26.40 41.12
CA ALA C 217 15.83 27.15 40.60
C ALA C 217 16.29 28.32 39.77
N ASP C 218 17.43 28.92 40.12
CA ASP C 218 18.01 29.94 39.28
C ASP C 218 18.77 29.32 38.10
N GLY C 219 18.66 28.00 37.91
CA GLY C 219 19.33 27.36 36.78
C GLY C 219 20.82 27.13 36.97
N GLU C 220 21.32 27.21 38.22
CA GLU C 220 22.76 27.09 38.42
C GLU C 220 23.14 25.64 38.79
N PRO C 221 24.35 25.26 38.42
CA PRO C 221 24.86 23.95 38.83
C PRO C 221 24.79 23.84 40.35
N THR C 222 24.33 22.69 40.83
CA THR C 222 24.18 22.46 42.25
C THR C 222 24.57 21.02 42.55
N LYS C 223 25.41 20.80 43.54
CA LYS C 223 25.85 19.43 43.77
C LYS C 223 24.69 18.66 44.39
N VAL C 224 24.37 17.50 43.80
CA VAL C 224 23.28 16.64 44.26
C VAL C 224 23.79 15.58 45.22
N CYS C 225 24.72 14.76 44.75
CA CYS C 225 25.31 13.70 45.58
C CYS C 225 26.65 13.29 44.96
N GLU C 226 27.24 12.25 45.54
CA GLU C 226 28.30 11.49 44.95
C GLU C 226 27.80 10.06 44.86
N PHE C 227 28.52 9.27 44.07
CA PHE C 227 28.22 7.87 43.86
C PHE C 227 29.56 7.14 43.83
N THR C 228 29.55 5.88 44.23
CA THR C 228 30.80 5.11 44.23
C THR C 228 30.50 3.65 43.81
N GLN C 229 31.48 2.76 44.10
CA GLN C 229 31.51 1.40 43.55
C GLN C 229 30.23 0.62 43.82
N GLY C 230 29.69 0.05 42.74
CA GLY C 230 28.41 -0.65 42.80
C GLY C 230 27.21 0.25 42.55
N ASP C 231 27.41 1.56 42.54
CA ASP C 231 26.36 2.48 42.10
C ASP C 231 26.14 2.42 40.57
N HIS C 232 25.02 2.95 40.17
CA HIS C 232 24.65 3.08 38.78
C HIS C 232 24.21 4.52 38.49
N ILE C 233 24.49 4.98 37.25
CA ILE C 233 23.92 6.20 36.69
C ILE C 233 23.51 6.03 35.22
N GLY C 234 22.53 6.87 34.81
CA GLY C 234 22.00 6.85 33.47
C GLY C 234 20.63 6.26 33.39
N GLU C 235 20.19 5.52 34.41
CA GLU C 235 18.96 4.78 34.25
C GLU C 235 17.75 5.68 34.33
N LEU C 236 17.84 6.84 35.02
CA LEU C 236 16.66 7.69 35.16
C LEU C 236 16.07 8.06 33.80
N GLU C 237 16.90 8.45 32.87
CA GLU C 237 16.38 8.87 31.58
C GLU C 237 15.85 7.70 30.76
N PHE C 238 16.40 6.51 31.00
CA PHE C 238 15.90 5.32 30.29
C PHE C 238 14.53 4.91 30.82
N LEU C 239 14.26 5.08 32.11
CA LEU C 239 12.99 4.63 32.71
C LEU C 239 11.82 5.51 32.29
N ASN C 240 12.05 6.82 32.20
CA ASN C 240 11.01 7.83 32.08
C ASN C 240 11.18 8.66 30.81
N ASN C 241 12.06 8.25 29.90
CA ASN C 241 12.11 8.83 28.56
C ASN C 241 12.19 10.36 28.57
N HIS C 242 13.24 10.86 29.20
CA HIS C 242 13.48 12.28 29.12
C HIS C 242 14.98 12.53 29.00
N ARG C 243 15.30 13.68 28.51
CA ARG C 243 16.68 14.06 28.46
C ARG C 243 17.26 14.15 29.88
N THR C 244 18.60 14.13 29.92
CA THR C 244 19.31 14.07 31.18
C THR C 244 19.10 15.35 31.96
N VAL C 245 18.96 15.19 33.26
CA VAL C 245 18.63 16.28 34.15
C VAL C 245 19.72 16.57 35.15
N ALA C 246 20.90 15.97 34.99
CA ALA C 246 22.10 16.31 35.75
C ALA C 246 23.34 15.98 34.94
N ASP C 247 24.42 16.68 35.28
CA ASP C 247 25.78 16.24 34.95
C ASP C 247 26.22 15.14 35.89
N VAL C 248 27.03 14.22 35.35
CA VAL C 248 27.77 13.29 36.17
C VAL C 248 29.21 13.38 35.79
N VAL C 249 30.04 13.76 36.74
CA VAL C 249 31.46 14.01 36.55
C VAL C 249 32.28 13.15 37.47
N ALA C 250 33.38 12.58 36.90
CA ALA C 250 34.32 11.80 37.70
C ALA C 250 35.06 12.76 38.60
N THR C 251 35.09 12.48 39.88
CA THR C 251 35.99 13.21 40.80
C THR C 251 37.32 12.46 41.03
N THR C 252 37.42 11.18 40.63
CA THR C 252 38.66 10.38 40.57
C THR C 252 38.81 9.74 39.20
N HIS C 253 39.92 9.02 38.99
CA HIS C 253 39.95 8.04 37.91
C HIS C 253 38.83 7.04 38.12
N VAL C 254 37.98 6.89 37.11
CA VAL C 254 36.79 6.05 37.25
C VAL C 254 36.81 4.93 36.21
N ILE C 255 36.44 3.77 36.64
CA ILE C 255 36.22 2.64 35.76
C ILE C 255 34.77 2.19 35.88
N THR C 256 34.18 1.87 34.72
CA THR C 256 32.77 1.52 34.69
C THR C 256 32.61 0.37 33.72
N ALA C 257 31.50 -0.34 33.90
CA ALA C 257 30.94 -1.21 32.89
C ALA C 257 29.67 -0.52 32.43
N LYS C 258 29.40 -0.55 31.14
CA LYS C 258 28.32 0.27 30.64
C LYS C 258 27.48 -0.59 29.71
N LEU C 259 26.22 -0.22 29.69
CA LEU C 259 25.20 -0.91 28.95
C LEU C 259 24.50 0.10 28.06
N ASN C 260 24.46 -0.22 26.76
CA ASN C 260 23.79 0.66 25.82
C ASN C 260 22.30 0.63 26.06
N ARG C 261 21.68 1.79 25.83
CA ARG C 261 20.23 1.94 26.02
C ARG C 261 19.46 0.92 25.19
N ARG C 262 19.98 0.56 24.02
CA ARG C 262 19.20 -0.35 23.19
C ARG C 262 19.09 -1.74 23.81
N HIS C 263 19.90 -2.02 24.82
CA HIS C 263 19.87 -3.28 25.51
C HIS C 263 19.21 -3.19 26.87
N PHE C 264 18.85 -1.97 27.32
CA PHE C 264 18.34 -1.75 28.66
C PHE C 264 17.16 -2.65 29.00
N GLU C 265 16.08 -2.61 28.19
CA GLU C 265 14.89 -3.39 28.48
C GLU C 265 15.16 -4.88 28.42
N MET C 266 15.89 -5.34 27.40
CA MET C 266 16.14 -6.79 27.32
C MET C 266 16.97 -7.28 28.51
N CYS C 267 17.91 -6.48 28.97
CA CYS C 267 18.78 -6.96 30.04
C CYS C 267 18.26 -6.54 31.41
N LEU C 268 17.81 -5.29 31.61
CA LEU C 268 17.38 -4.96 32.95
C LEU C 268 15.86 -5.01 33.10
N GLY C 269 15.16 -5.75 32.26
CA GLY C 269 13.75 -5.94 32.42
C GLY C 269 13.37 -6.14 33.85
N PRO C 270 13.87 -7.23 34.42
CA PRO C 270 13.30 -7.66 35.71
C PRO C 270 13.69 -6.81 36.92
N VAL C 271 14.54 -5.81 36.78
CA VAL C 271 14.90 -4.96 37.90
C VAL C 271 14.36 -3.56 37.71
N ILE C 272 13.49 -3.34 36.71
CA ILE C 272 13.00 -1.97 36.44
C ILE C 272 12.44 -1.36 37.71
N ASP C 273 11.61 -2.14 38.42
CA ASP C 273 10.95 -1.61 39.62
C ASP C 273 11.93 -1.32 40.74
N VAL C 274 12.99 -2.12 40.90
CA VAL C 274 14.09 -1.77 41.84
C VAL C 274 14.79 -0.48 41.41
N LEU C 275 15.11 -0.38 40.13
C LEU C 275 14.18 2.11 39.79
N LYS C 276 12.88 1.91 39.85
CA LYS C 276 11.94 3.01 40.12
C LYS C 276 11.92 3.43 41.59
N ARG C 277 12.56 2.64 42.47
CA ARG C 277 12.58 2.93 43.90
CA ARG C 277 12.60 2.93 43.89
C ARG C 277 13.55 4.05 44.23
N CYS C 278 13.95 4.79 43.19
CA CYS C 278 14.52 6.11 43.35
C CYS C 278 13.48 7.07 43.90
N ALA C 279 12.20 6.85 43.59
CA ALA C 279 11.14 7.76 43.99
C ALA C 279 11.02 7.83 45.50
N ASP C 280 11.59 6.87 46.21
CA ASP C 280 11.61 6.80 47.67
C ASP C 280 12.97 7.16 48.27
N ASP C 281 14.08 6.96 47.54
CA ASP C 281 15.40 7.20 48.12
C ASP C 281 15.62 8.71 48.30
N PRO C 282 16.07 9.15 49.48
CA PRO C 282 16.28 10.60 49.65
C PRO C 282 17.48 11.18 48.89
N LYS C 283 18.46 10.37 48.51
CA LYS C 283 19.53 10.90 47.66
C LYS C 283 18.99 11.38 46.31
N TYR C 284 17.79 10.98 45.94
CA TYR C 284 17.10 11.40 44.71
C TYR C 284 16.04 12.48 44.96
N GLU C 285 16.16 13.26 46.03
CA GLU C 285 15.15 14.30 46.26
C GLU C 285 15.05 15.25 45.08
N TYR C 286 16.22 15.74 44.62
CA TYR C 286 16.35 16.52 43.41
C TYR C 286 15.57 15.93 42.25
N TYR C 287 15.81 14.66 41.94
CA TYR C 287 15.06 14.09 40.81
C TYR C 287 13.54 14.07 41.13
N GLN C 288 13.19 13.93 42.43
CA GLN C 288 11.78 14.03 42.86
C GLN C 288 11.16 15.32 42.34
N ASN C 289 11.84 16.44 42.57
CA ASN C 289 11.30 17.75 42.17
C ASN C 289 11.27 17.90 40.65
N VAL C 290 12.28 17.33 39.95
CA VAL C 290 12.30 17.35 38.49
C VAL C 290 11.02 16.73 38.00
N LEU C 291 10.71 15.57 38.55
CA LEU C 291 9.53 14.84 38.14
C LEU C 291 8.26 15.63 38.43
N LYS C 292 8.11 16.17 39.64
CA LYS C 292 6.82 16.79 39.93
C LYS C 292 6.64 18.10 39.13
N THR C 293 7.74 18.78 38.77
CA THR C 293 7.67 20.01 37.98
C THR C 293 7.79 19.80 36.51
N GLY C 294 8.00 18.57 36.04
CA GLY C 294 8.17 18.37 34.60
C GLY C 294 9.42 18.98 33.98
N ALA C 295 10.56 19.03 34.70
CA ALA C 295 11.72 19.79 34.21
C ALA C 295 12.62 19.04 33.20
N ALA C 296 12.05 18.44 32.18
CA ALA C 296 12.88 17.87 31.12
C ALA C 296 11.94 17.64 29.94
N GLN C 297 12.49 17.52 28.74
CA GLN C 297 11.60 17.21 27.62
C GLN C 297 11.83 15.76 27.22
N PRO C 298 10.88 15.13 26.52
CA PRO C 298 10.98 13.69 26.22
C PRO C 298 12.29 13.30 25.54
N SER C 299 12.58 12.00 25.62
CA SER C 299 13.72 11.44 24.89
C SER C 299 13.51 9.93 24.82
N TYR C 300 13.28 9.42 23.63
CA TYR C 300 12.92 8.02 23.45
C TYR C 300 14.14 7.24 22.90
N VAL C 301 14.22 5.96 23.19
CA VAL C 301 15.34 5.23 22.60
C VAL C 301 15.20 5.22 21.08
N ASP C 302 16.35 5.23 20.40
CA ASP C 302 16.47 5.45 18.96
C ASP C 302 16.27 4.14 18.19
N TYR D 21 13.44 22.42 -0.71
CA TYR D 21 12.21 21.66 -0.55
C TYR D 21 11.04 22.47 -1.06
N GLN D 22 10.27 21.91 -1.98
CA GLN D 22 8.95 22.45 -2.28
C GLN D 22 7.94 21.41 -1.82
N ALA D 23 6.94 21.87 -1.12
CA ALA D 23 5.92 21.11 -0.43
C ALA D 23 4.74 20.77 -1.34
N PRO D 24 3.94 19.80 -0.95
CA PRO D 24 2.71 19.49 -1.68
C PRO D 24 1.70 20.62 -1.65
N TYR D 25 0.77 20.58 -2.58
CA TYR D 25 -0.30 21.56 -2.66
C TYR D 25 -1.63 20.88 -2.88
N PHE D 26 -2.63 21.32 -2.14
CA PHE D 26 -4.00 20.88 -2.35
C PHE D 26 -4.83 22.16 -2.28
N GLU D 27 -5.38 22.58 -3.43
CA GLU D 27 -5.97 23.90 -3.53
C GLU D 27 -7.08 24.08 -2.50
N LYS D 28 -7.16 25.31 -1.99
CA LYS D 28 -8.17 25.71 -1.03
C LYS D 28 -8.90 26.98 -1.51
N SER D 29 -10.18 27.07 -1.15
CA SER D 29 -10.99 28.27 -1.31
C SER D 29 -10.66 29.31 -0.24
N GLU D 30 -10.89 30.58 -0.58
CA GLU D 30 -10.60 31.68 0.34
C GLU D 30 -11.12 31.44 1.74
N ASP D 31 -12.16 30.61 1.91
CA ASP D 31 -12.67 30.28 3.25
C ASP D 31 -11.84 29.18 3.90
N GLU D 32 -11.34 28.24 3.10
CA GLU D 32 -10.49 27.20 3.64
C GLU D 32 -9.16 27.76 4.16
N MET D 33 -8.49 28.61 3.36
CA MET D 33 -7.23 29.19 3.80
C MET D 33 -7.41 29.95 5.12
N ASN D 34 -8.49 30.73 5.21
CA ASN D 34 -8.71 31.55 6.41
C ASN D 34 -8.93 30.68 7.63
N LEU D 35 -9.83 29.70 7.54
CA LEU D 35 -10.06 28.81 8.68
C LEU D 35 -8.75 28.11 9.05
N ILE D 36 -8.07 27.53 8.07
CA ILE D 36 -6.83 26.82 8.34
C ILE D 36 -5.79 27.76 8.93
N THR D 37 -5.42 28.80 8.17
CA THR D 37 -4.48 29.80 8.69
CA THR D 37 -4.48 29.80 8.69
C THR D 37 -4.90 30.28 10.07
N LYS D 38 -6.20 30.32 10.36
CA LYS D 38 -6.64 30.69 11.69
C LYS D 38 -6.21 29.67 12.73
N LEU D 39 -6.32 28.36 12.41
CA LEU D 39 -5.88 27.30 13.32
C LEU D 39 -4.37 27.27 13.53
N LEU D 40 -3.58 27.63 12.53
CA LEU D 40 -2.13 27.51 12.63
C LEU D 40 -1.56 28.59 13.54
N THR D 41 -2.08 29.81 13.43
CA THR D 41 -1.53 30.97 14.11
C THR D 41 -1.96 31.03 15.56
N HIS D 42 -2.82 30.12 15.99
CA HIS D 42 -3.14 29.89 17.38
C HIS D 42 -2.64 28.54 17.90
N ASN D 43 -2.01 27.73 17.10
CA ASN D 43 -1.44 26.49 17.60
C ASN D 43 0.07 26.68 17.76
N VAL D 44 0.62 26.38 18.94
CA VAL D 44 2.01 26.77 19.22
C VAL D 44 3.02 26.03 18.31
N LEU D 45 2.63 24.96 17.62
CA LEU D 45 3.60 24.34 16.72
C LEU D 45 4.08 25.25 15.57
N PHE D 46 3.33 26.31 15.21
CA PHE D 46 3.67 27.14 14.03
C PHE D 46 3.99 28.60 14.41
N SER D 47 4.44 28.80 15.66
CA SER D 47 4.50 30.15 16.21
C SER D 47 5.44 31.05 15.42
N PHE D 48 6.59 30.52 15.02
CA PHE D 48 7.64 31.39 14.47
C PHE D 48 7.86 31.16 12.98
N LEU D 49 6.78 30.92 12.25
CA LEU D 49 6.86 30.81 10.81
C LEU D 49 6.53 32.18 10.20
N ASN D 50 7.18 32.48 9.06
CA ASN D 50 6.86 33.71 8.35
C ASN D 50 5.50 33.58 7.66
N THR D 51 5.13 34.62 6.89
CA THR D 51 3.80 34.71 6.27
C THR D 51 3.62 33.73 5.10
N LYS D 52 4.63 33.59 4.25
CA LYS D 52 4.59 32.63 3.16
C LYS D 52 4.48 31.18 3.65
N ASP D 53 5.35 30.80 4.60
CA ASP D 53 5.38 29.42 5.11
C ASP D 53 4.10 29.05 5.89
N ILE D 54 3.41 29.99 6.55
CA ILE D 54 2.07 29.66 7.04
C ILE D 54 1.15 29.32 5.88
N LYS D 55 1.32 30.00 4.74
CA LYS D 55 0.42 29.75 3.62
C LYS D 55 0.75 28.42 2.93
N VAL D 56 1.96 28.30 2.38
CA VAL D 56 2.47 27.07 1.80
C VAL D 56 2.00 25.86 2.60
N VAL D 57 2.21 25.92 3.93
CA VAL D 57 1.80 24.89 4.86
C VAL D 57 0.29 24.71 4.86
N ALA D 58 -0.47 25.81 4.75
CA ALA D 58 -1.93 25.71 4.72
C ALA D 58 -2.41 24.91 3.52
N GLY D 59 -1.74 25.07 2.39
CA GLY D 59 -2.04 24.31 1.20
C GLY D 59 -1.63 22.83 1.20
N ALA D 60 -0.71 22.39 2.06
CA ALA D 60 -0.33 20.97 2.05
C ALA D 60 -1.16 20.13 3.01
N MET D 61 -2.14 20.73 3.65
CA MET D 61 -3.03 20.02 4.56
CA MET D 61 -3.05 20.03 4.55
C MET D 61 -4.25 19.50 3.79
N GLN D 62 -4.83 18.40 4.30
CA GLN D 62 -5.99 17.77 3.70
C GLN D 62 -7.00 17.50 4.80
N ARG D 63 -8.28 17.53 4.45
CA ARG D 63 -9.32 17.23 5.40
C ARG D 63 -9.22 15.79 5.91
N ALA D 64 -9.66 15.59 7.14
CA ALA D 64 -9.72 14.26 7.72
C ALA D 64 -10.82 14.27 8.77
N THR D 65 -11.85 13.49 8.51
CA THR D 65 -13.07 13.50 9.29
C THR D 65 -13.20 12.20 10.06
N PHE D 66 -13.74 12.26 11.27
CA PHE D 66 -13.85 11.09 12.15
C PHE D 66 -15.22 11.08 12.80
N LYS D 67 -15.64 9.89 13.23
CA LYS D 67 -16.86 9.67 14.00
C LYS D 67 -16.54 9.19 15.41
N HIS D 68 -17.55 9.22 16.27
CA HIS D 68 -17.41 8.79 17.66
C HIS D 68 -16.69 7.45 17.76
N ASP D 69 -15.86 7.33 18.78
CA ASP D 69 -15.02 6.16 19.07
C ASP D 69 -13.97 5.85 18.00
N ASP D 70 -14.01 6.51 16.84
CA ASP D 70 -12.89 6.36 15.91
C ASP D 70 -11.58 6.73 16.61
N CYS D 71 -10.54 5.91 16.38
CA CYS D 71 -9.22 6.14 16.95
C CYS D 71 -8.35 6.77 15.88
N ILE D 72 -7.78 7.95 16.16
CA ILE D 72 -6.93 8.64 15.18
C ILE D 72 -5.57 7.96 15.05
N MET D 73 -5.06 7.40 16.15
CA MET D 73 -3.82 6.64 16.20
C MET D 73 -3.88 5.82 17.48
N GLU D 74 -2.99 4.83 17.60
CA GLU D 74 -3.04 3.91 18.74
C GLU D 74 -1.64 3.65 19.28
N ALA D 75 -1.56 3.58 20.61
CA ALA D 75 -0.31 3.32 21.28
C ALA D 75 0.42 2.15 20.65
N GLY D 76 1.70 2.36 20.33
CA GLY D 76 2.54 1.36 19.75
C GLY D 76 2.59 1.49 18.24
N GLN D 77 1.52 2.02 17.65
CA GLN D 77 1.46 2.15 16.21
CA GLN D 77 1.45 2.16 16.21
C GLN D 77 2.68 2.89 15.68
N THR D 78 3.12 2.46 14.51
CA THR D 78 4.25 3.05 13.81
C THR D 78 3.83 3.64 12.48
N THR D 79 2.58 3.44 12.08
CA THR D 79 2.09 3.75 10.75
C THR D 79 1.39 5.12 10.63
N CYS D 80 1.33 5.92 11.70
CA CYS D 80 0.66 7.23 11.66
C CYS D 80 1.59 8.27 11.02
N ASN D 81 2.56 8.79 11.78
CA ASN D 81 3.57 9.69 11.23
C ASN D 81 2.93 10.88 10.50
N LYS D 82 1.87 11.39 11.08
CA LYS D 82 1.13 12.51 10.54
C LYS D 82 0.81 13.43 11.71
N LEU D 83 0.71 14.73 11.42
CA LEU D 83 0.32 15.74 12.40
C LEU D 83 -1.10 16.18 12.06
N TYR D 84 -1.99 16.12 13.02
CA TYR D 84 -3.37 16.51 12.81
C TYR D 84 -3.66 17.76 13.63
N ILE D 85 -4.31 18.75 13.03
CA ILE D 85 -4.78 19.91 13.77
CA ILE D 85 -4.79 19.93 13.77
C ILE D 85 -6.31 19.85 13.78
N ILE D 86 -6.87 19.92 14.96
CA ILE D 86 -8.31 19.81 15.12
C ILE D 86 -8.95 21.15 14.83
N GLN D 87 -10.05 21.10 14.08
CA GLN D 87 -10.90 22.25 13.80
C GLN D 87 -12.10 22.34 14.77
N SER D 88 -12.85 21.26 14.88
CA SER D 88 -13.99 21.22 15.78
C SER D 88 -14.14 19.77 16.21
N GLY D 89 -14.54 19.58 17.44
CA GLY D 89 -14.68 18.26 17.99
C GLY D 89 -13.51 17.91 18.88
N HIS D 90 -13.72 16.90 19.71
CA HIS D 90 -12.79 16.56 20.78
C HIS D 90 -12.30 15.13 20.63
N ALA D 91 -11.28 14.80 21.42
CA ALA D 91 -10.67 13.49 21.38
C ALA D 91 -9.88 13.31 22.67
N ASP D 92 -9.98 12.11 23.23
CA ASP D 92 -9.27 11.76 24.46
C ASP D 92 -7.88 11.23 24.14
N ILE D 93 -6.97 11.48 25.08
CA ILE D 93 -5.64 10.88 25.08
C ILE D 93 -5.64 9.73 26.08
N ILE D 94 -5.18 8.55 25.65
CA ILE D 94 -5.31 7.33 26.43
C ILE D 94 -3.96 6.67 26.58
N LYS D 95 -3.47 6.65 27.82
CA LYS D 95 -2.20 6.04 28.19
C LYS D 95 -2.43 5.02 29.30
N GLU D 96 -2.29 3.74 28.95
CA GLU D 96 -2.44 2.60 29.87
C GLU D 96 -3.87 2.52 30.43
N GLY D 97 -4.84 2.37 29.51
CA GLY D 97 -6.22 2.11 29.90
C GLY D 97 -6.97 3.27 30.52
N GLN D 98 -6.28 4.08 31.32
CA GLN D 98 -6.88 5.26 31.95
CA GLN D 98 -6.89 5.25 31.95
C GLN D 98 -7.12 6.33 30.88
N LYS D 99 -7.43 7.55 31.32
CA LYS D 99 -7.71 8.66 30.44
C LYS D 99 -6.96 9.85 31.01
N VAL D 100 -6.31 10.65 30.15
CA VAL D 100 -5.35 11.62 30.68
C VAL D 100 -5.40 13.05 30.10
N TYR D 101 -5.99 13.26 28.92
CA TYR D 101 -6.06 14.62 28.34
C TYR D 101 -7.20 14.70 27.35
N LEU D 102 -7.91 15.81 27.37
CA LEU D 102 -8.99 16.06 26.44
C LEU D 102 -8.48 17.10 25.44
N LYS D 103 -8.45 16.71 24.18
CA LYS D 103 -7.91 17.54 23.09
C LYS D 103 -9.07 18.24 22.41
N THR D 104 -9.15 19.55 22.55
CA THR D 104 -10.27 20.31 22.02
C THR D 104 -9.84 21.01 20.74
N GLU D 105 -10.71 21.88 20.25
CA GLU D 105 -10.51 22.53 18.97
C GLU D 105 -9.29 23.43 19.02
N GLY D 106 -8.58 23.47 17.92
CA GLY D 106 -7.37 24.22 17.80
C GLY D 106 -6.13 23.46 18.21
N THR D 107 -6.27 22.36 18.94
CA THR D 107 -5.11 21.60 19.41
C THR D 107 -4.63 20.58 18.37
N ALA D 108 -3.54 19.91 18.72
CA ALA D 108 -2.83 19.01 17.82
C ALA D 108 -2.55 17.68 18.51
N VAL D 109 -2.61 16.60 17.74
CA VAL D 109 -2.18 15.27 18.16
C VAL D 109 -1.23 14.74 17.10
N GLY D 110 -0.19 14.04 17.53
CA GLY D 110 0.80 13.55 16.60
C GLY D 110 2.10 14.31 16.62
N GLU D 111 2.16 15.47 17.28
CA GLU D 111 3.38 16.27 17.24
C GLU D 111 4.54 15.57 17.96
N LEU D 112 4.23 14.77 18.99
CA LEU D 112 5.25 14.10 19.80
C LEU D 112 6.06 13.11 18.98
N GLU D 113 5.40 12.35 18.12
CA GLU D 113 6.04 11.33 17.31
C GLU D 113 6.83 11.93 16.17
N LEU D 114 6.32 13.02 15.58
CA LEU D 114 7.03 13.71 14.53
C LEU D 114 8.27 14.46 15.01
N MET D 115 8.32 14.77 16.30
CA MET D 115 9.37 15.60 16.88
CA MET D 115 9.37 15.60 16.88
C MET D 115 10.44 14.78 17.59
N TYR D 116 10.03 13.70 18.28
CA TYR D 116 10.96 12.84 18.98
C TYR D 116 11.08 11.46 18.33
N ASP D 117 10.63 11.32 17.07
CA ASP D 117 10.81 10.09 16.31
CA ASP D 117 10.81 10.09 16.31
C ASP D 117 10.72 8.87 17.21
N THR D 118 9.50 8.51 17.59
CA THR D 118 9.19 7.37 18.42
C THR D 118 7.83 6.84 17.98
N PRO D 119 7.52 5.59 18.32
CA PRO D 119 6.15 5.09 18.12
C PRO D 119 5.11 5.86 18.93
N VAL D 120 3.89 5.89 18.38
CA VAL D 120 2.74 6.50 19.02
C VAL D 120 2.82 6.13 20.49
N VAL D 121 2.77 7.14 21.34
CA VAL D 121 2.87 6.96 22.77
C VAL D 121 1.50 6.68 23.37
N ALA D 122 0.46 7.19 22.74
CA ALA D 122 -0.86 7.17 23.35
C ALA D 122 -1.90 7.14 22.25
N THR D 123 -3.06 6.59 22.61
CA THR D 123 -4.15 6.45 21.66
C THR D 123 -5.07 7.66 21.72
N VAL D 124 -5.56 8.05 20.54
CA VAL D 124 -6.40 9.24 20.36
C VAL D 124 -7.77 8.74 19.95
N LYS D 125 -8.76 9.02 20.80
CA LYS D 125 -10.10 8.47 20.65
C LYS D 125 -11.11 9.61 20.70
N VAL D 126 -11.83 9.81 19.59
CA VAL D 126 -12.87 10.82 19.51
C VAL D 126 -13.92 10.55 20.58
N CYS D 127 -14.21 11.58 21.40
CA CYS D 127 -15.20 11.46 22.48
C CYS D 127 -16.44 12.30 22.27
N THR D 128 -16.63 12.84 21.06
CA THR D 128 -17.86 13.49 20.65
C THR D 128 -18.25 12.83 19.35
N ASP D 129 -19.49 13.01 18.93
CA ASP D 129 -19.95 12.20 17.81
C ASP D 129 -19.06 12.39 16.58
N GLU D 130 -18.62 13.61 16.29
CA GLU D 130 -17.73 13.79 15.15
C GLU D 130 -16.58 14.73 15.49
N LEU D 131 -15.52 14.65 14.67
CA LEU D 131 -14.34 15.51 14.75
C LEU D 131 -13.80 15.79 13.35
N ILE D 132 -13.54 17.06 13.01
CA ILE D 132 -12.91 17.44 11.74
C ILE D 132 -11.50 17.95 12.02
N ALA D 133 -10.49 17.34 11.38
CA ALA D 133 -9.10 17.73 11.53
C ALA D 133 -8.52 18.11 10.17
N TRP D 134 -7.32 18.70 10.21
CA TRP D 134 -6.51 18.99 9.03
C TRP D 134 -5.13 18.36 9.17
N VAL D 135 -4.71 17.63 8.15
CA VAL D 135 -3.65 16.63 8.29
C VAL D 135 -2.40 17.13 7.60
N LEU D 136 -1.29 17.03 8.30
CA LEU D 136 0.02 17.43 7.79
C LEU D 136 0.95 16.23 7.80
N ASP D 137 1.78 16.17 6.77
CA ASP D 137 2.73 15.07 6.57
C ASP D 137 4.05 15.37 7.24
N ARG D 138 4.76 14.29 7.60
CA ARG D 138 6.07 14.38 8.23
C ARG D 138 7.03 15.19 7.38
N ASP D 139 7.00 14.99 6.05
CA ASP D 139 7.96 15.68 5.18
C ASP D 139 7.82 17.19 5.33
N THR D 140 6.59 17.70 5.27
CA THR D 140 6.41 19.14 5.37
C THR D 140 6.57 19.61 6.84
N TYR D 141 6.11 18.85 7.83
CA TYR D 141 6.38 19.29 9.18
C TYR D 141 7.88 19.37 9.42
N ARG D 142 8.62 18.29 9.18
CA ARG D 142 10.03 18.28 9.58
C ARG D 142 10.90 19.25 8.78
N ASN D 143 10.51 19.65 7.56
CA ASN D 143 11.33 20.51 6.72
C ASN D 143 10.96 21.98 6.73
N LEU D 144 9.73 22.33 7.15
CA LEU D 144 9.26 23.71 7.06
CA LEU D 144 9.26 23.71 7.06
C LEU D 144 8.56 24.19 8.33
N VAL D 145 8.38 23.34 9.34
CA VAL D 145 7.76 23.78 10.57
C VAL D 145 8.75 23.62 11.72
N MET D 146 9.10 22.37 12.00
CA MET D 146 9.81 21.99 13.23
C MET D 146 10.90 22.97 13.63
N GLY D 147 11.73 23.37 12.67
CA GLY D 147 12.76 24.34 12.94
C GLY D 147 13.60 23.94 14.14
N THR D 148 13.67 24.81 15.15
CA THR D 148 14.51 24.58 16.32
C THR D 148 13.72 24.11 17.53
N ALA D 149 12.61 23.40 17.33
CA ALA D 149 11.72 23.07 18.46
C ALA D 149 12.50 22.49 19.64
N ILE D 150 13.41 21.56 19.39
CA ILE D 150 14.00 20.82 20.51
C ILE D 150 14.86 21.75 21.38
N ARG D 151 15.64 22.63 20.70
CA ARG D 151 16.52 23.60 21.36
C ARG D 151 15.69 24.65 22.14
N ARG D 152 14.53 25.02 21.56
CA ARG D 152 13.62 25.97 22.20
C ARG D 152 13.04 25.37 23.48
N ARG D 153 12.63 24.12 23.41
CA ARG D 153 12.22 23.40 24.60
C ARG D 153 13.33 23.34 25.67
N GLU D 154 14.61 23.07 25.25
CA GLU D 154 15.75 23.04 26.19
C GLU D 154 16.00 24.43 26.84
N THR D 155 15.77 25.51 26.07
CA THR D 155 16.09 26.86 26.58
C THR D 155 15.20 27.24 27.77
N TYR D 156 13.90 26.84 27.71
CA TYR D 156 12.92 27.31 28.72
C TYR D 156 12.47 26.29 29.77
N ILE D 157 12.51 24.98 29.54
CA ILE D 157 11.68 24.09 30.37
C ILE D 157 12.17 24.05 31.83
N GLN D 158 13.47 23.97 32.04
CA GLN D 158 13.98 23.96 33.41
C GLN D 158 13.57 25.22 34.14
N PHE D 159 13.67 26.37 33.47
CA PHE D 159 13.17 27.64 34.02
C PHE D 159 11.65 27.60 34.18
N LEU D 160 10.93 27.03 33.20
CA LEU D 160 9.47 27.05 33.35
C LEU D 160 9.05 26.22 34.54
N ALA D 161 9.76 25.10 34.77
CA ALA D 161 9.49 24.22 35.92
C ALA D 161 9.66 24.94 37.27
N ASN D 162 10.43 26.03 37.32
CA ASN D 162 10.69 26.76 38.59
C ASN D 162 9.92 28.08 38.72
N VAL D 163 9.08 28.41 37.74
CA VAL D 163 8.29 29.64 37.76
C VAL D 163 6.98 29.36 38.48
N PRO D 164 6.73 30.02 39.62
CA PRO D 164 5.60 29.63 40.48
C PRO D 164 4.22 29.58 39.84
N PHE D 165 3.83 30.58 39.05
CA PHE D 165 2.44 30.54 38.64
C PHE D 165 2.22 29.40 37.65
N LEU D 166 3.27 28.78 37.16
CA LEU D 166 3.07 27.69 36.23
C LEU D 166 3.00 26.37 36.98
N GLY D 167 2.98 26.44 38.30
CA GLY D 167 2.84 25.21 39.03
C GLY D 167 1.80 24.26 38.45
N GLY D 168 0.66 24.77 37.98
CA GLY D 168 -0.46 23.92 37.57
C GLY D 168 -0.39 23.36 36.17
N LEU D 169 0.65 23.67 35.40
CA LEU D 169 0.92 22.94 34.18
C LEU D 169 1.74 21.72 34.50
N ASP D 170 1.39 20.65 33.81
CA ASP D 170 2.14 19.42 33.91
C ASP D 170 3.26 19.47 32.88
N SER D 171 4.10 18.42 32.81
CA SER D 171 5.25 18.54 31.94
C SER D 171 4.81 18.80 30.51
N TYR D 172 3.73 18.18 30.08
CA TYR D 172 3.42 18.30 28.67
C TYR D 172 2.97 19.72 28.40
N GLU D 173 2.22 20.28 29.32
CA GLU D 173 1.69 21.63 29.12
C GLU D 173 2.79 22.70 29.19
N LYS D 174 3.87 22.49 29.98
CA LYS D 174 5.02 23.40 30.00
C LYS D 174 5.75 23.39 28.66
N LEU D 175 5.89 22.17 28.09
CA LEU D 175 6.50 22.02 26.79
C LEU D 175 5.71 22.76 25.72
N GLN D 176 4.38 22.66 25.81
CA GLN D 176 3.52 23.36 24.87
C GLN D 176 3.75 24.87 24.94
N LEU D 177 3.77 25.39 26.17
CA LEU D 177 4.14 26.79 26.42
C LEU D 177 5.51 27.14 25.81
N ALA D 178 6.55 26.32 26.07
CA ALA D 178 7.90 26.65 25.59
C ALA D 178 7.95 26.78 24.08
N ASP D 179 7.16 25.95 23.36
CA ASP D 179 7.10 26.00 21.91
C ASP D 179 6.72 27.38 21.40
N ALA D 180 6.02 28.18 22.20
CA ALA D 180 5.59 29.51 21.83
C ALA D 180 6.43 30.65 22.47
N LEU D 181 7.49 30.33 23.17
CA LEU D 181 8.16 31.40 23.89
C LEU D 181 9.26 32.01 23.02
N SER D 182 9.52 33.26 23.28
CA SER D 182 10.65 33.88 22.68
C SER D 182 11.28 34.75 23.74
N SER D 183 12.58 34.96 23.59
CA SER D 183 13.36 35.68 24.55
C SER D 183 13.44 37.13 24.11
N GLU D 184 13.10 37.96 25.07
CA GLU D 184 12.92 39.36 24.87
C GLU D 184 13.68 40.12 25.91
N GLU D 185 14.57 41.01 25.47
CA GLU D 185 15.43 41.74 26.40
C GLU D 185 15.02 43.19 26.44
N PHE D 186 15.26 43.85 27.56
CA PHE D 186 14.93 45.28 27.66
C PHE D 186 16.06 46.05 28.35
N SER D 187 16.29 47.24 27.87
CA SER D 187 17.35 48.01 28.46
CA SER D 187 17.36 48.02 28.46
C SER D 187 16.81 48.85 29.62
N PRO D 188 17.69 49.18 30.58
CA PRO D 188 17.28 50.08 31.66
C PRO D 188 16.56 51.36 31.11
N GLY D 189 15.41 51.62 31.72
CA GLY D 189 14.50 52.69 31.39
C GLY D 189 13.57 52.40 30.22
N GLU D 190 13.72 51.25 29.59
CA GLU D 190 12.87 50.94 28.46
C GLU D 190 11.49 50.48 28.87
N TYR D 191 10.51 50.94 28.12
CA TYR D 191 9.11 50.50 28.31
C TYR D 191 8.93 49.07 27.80
N ILE D 192 8.47 48.20 28.71
CA ILE D 192 7.95 46.87 28.32
C ILE D 192 6.52 46.97 27.85
N ILE D 193 5.71 47.73 28.61
CA ILE D 193 4.32 47.97 28.30
C ILE D 193 4.05 49.48 28.50
N HIS D 194 3.33 50.05 27.57
CA HIS D 194 2.84 51.41 27.76
C HIS D 194 1.36 51.40 28.10
N TYR D 195 1.00 52.30 29.03
CA TYR D 195 -0.38 52.68 29.34
C TYR D 195 -1.18 53.08 28.11
N GLY D 196 -2.47 52.77 28.18
CA GLY D 196 -3.42 53.19 27.17
C GLY D 196 -3.36 52.40 25.87
N GLU D 197 -2.78 51.22 25.85
CA GLU D 197 -2.48 50.48 24.63
CA GLU D 197 -2.52 50.51 24.62
C GLU D 197 -3.15 49.12 24.69
N GLU D 198 -3.33 48.56 23.51
CA GLU D 198 -3.90 47.25 23.31
C GLU D 198 -3.32 46.20 24.27
N GLY D 199 -2.09 45.78 24.05
CA GLY D 199 -1.54 44.67 24.81
C GLY D 199 -1.52 43.39 24.00
N GLU D 200 -0.33 42.92 23.62
CA GLU D 200 -0.25 41.68 22.84
C GLU D 200 0.74 40.65 23.41
N TRP D 201 1.35 40.92 24.58
CA TRP D 201 2.36 39.97 25.10
C TRP D 201 2.20 39.80 26.60
N LEU D 202 2.36 38.54 27.07
CA LEU D 202 2.64 38.19 28.48
C LEU D 202 4.13 37.95 28.59
N TYR D 203 4.72 38.52 29.63
CA TYR D 203 6.16 38.44 29.86
C TYR D 203 6.37 37.75 31.18
N ILE D 204 7.20 36.71 31.16
CA ILE D 204 7.78 36.11 32.34
C ILE D 204 9.19 36.65 32.48
N ILE D 205 9.48 37.30 33.62
CA ILE D 205 10.86 37.78 33.86
C ILE D 205 11.80 36.61 34.19
N MET D 206 12.91 36.52 33.47
CA MET D 206 14.00 35.58 33.74
C MET D 206 15.15 36.25 34.48
N GLU D 207 15.39 37.50 34.15
CA GLU D 207 16.41 38.29 34.82
C GLU D 207 15.98 39.76 34.79
N GLY D 208 16.31 40.47 35.86
CA GLY D 208 16.14 41.89 36.02
C GLY D 208 14.94 42.22 36.91
N THR D 209 14.66 43.51 36.94
CA THR D 209 13.61 44.11 37.73
C THR D 209 12.88 45.12 36.87
N VAL D 210 11.59 45.20 37.13
CA VAL D 210 10.71 46.11 36.44
C VAL D 210 9.86 46.86 37.46
N GLU D 211 9.39 48.01 37.02
CA GLU D 211 8.46 48.85 37.77
C GLU D 211 7.20 49.07 36.93
N VAL D 212 6.10 49.11 37.67
CA VAL D 212 4.76 49.18 37.14
C VAL D 212 4.33 50.58 37.53
N ILE D 213 4.02 51.43 36.55
CA ILE D 213 3.69 52.83 36.79
CA ILE D 213 3.70 52.84 36.78
C ILE D 213 2.22 53.04 36.43
N GLY D 214 1.37 53.22 37.45
CA GLY D 214 -0.06 53.30 37.24
C GLY D 214 -0.49 54.72 36.88
N ARG D 215 -1.81 54.96 36.88
CA ARG D 215 -2.31 56.36 36.78
C ARG D 215 -3.31 56.59 37.91
N ASP D 216 -3.04 57.62 38.73
CA ASP D 216 -3.89 57.93 39.87
C ASP D 216 -5.12 58.67 39.35
N ALA D 217 -5.88 59.26 40.27
CA ALA D 217 -7.20 59.76 39.90
C ALA D 217 -7.13 61.04 39.07
N ASP D 218 -6.16 61.89 39.33
CA ASP D 218 -5.98 63.07 38.51
C ASP D 218 -5.22 62.79 37.22
N GLY D 219 -5.02 61.52 36.89
CA GLY D 219 -4.36 61.10 35.68
C GLY D 219 -2.85 61.13 35.71
N GLU D 220 -2.22 61.25 36.97
CA GLU D 220 -0.78 61.40 37.08
C GLU D 220 -0.08 60.05 37.30
N PRO D 221 1.13 59.90 36.78
CA PRO D 221 1.91 58.71 37.08
C PRO D 221 2.14 58.50 38.57
N THR D 222 1.93 57.24 39.00
CA THR D 222 2.19 56.78 40.36
C THR D 222 2.76 55.36 40.36
N LYS D 223 3.87 55.14 41.08
CA LYS D 223 4.46 53.81 41.16
C LYS D 223 3.57 52.91 42.03
N VAL D 224 3.26 51.71 41.51
CA VAL D 224 2.48 50.68 42.17
C VAL D 224 3.40 49.67 42.90
N CYS D 225 4.31 49.04 42.15
CA CYS D 225 5.25 48.08 42.73
C CYS D 225 6.35 47.79 41.70
N GLU D 226 7.21 46.83 42.06
CA GLU D 226 8.21 46.21 41.19
C GLU D 226 7.93 44.71 41.04
N PHE D 227 8.55 44.12 40.04
CA PHE D 227 8.48 42.69 39.80
C PHE D 227 9.88 42.23 39.40
N THR D 228 10.18 40.95 39.60
CA THR D 228 11.53 40.42 39.23
C THR D 228 11.40 38.96 38.76
N GLN D 229 12.54 38.25 38.75
CA GLN D 229 12.64 36.85 38.26
C GLN D 229 11.52 36.00 38.79
N GLY D 230 10.88 35.29 37.86
CA GLY D 230 9.74 34.49 38.18
C GLY D 230 8.39 35.21 38.14
N ASP D 231 8.34 36.56 38.15
CA ASP D 231 7.05 37.25 38.01
C ASP D 231 6.60 37.34 36.55
N HIS D 232 5.29 37.64 36.39
CA HIS D 232 4.65 37.81 35.10
C HIS D 232 3.90 39.15 34.99
N ILE D 233 3.94 39.75 33.78
CA ILE D 233 3.14 40.92 33.45
C ILE D 233 2.51 40.75 32.06
N GLY D 234 1.38 41.49 31.85
CA GLY D 234 0.60 41.43 30.61
C GLY D 234 -0.76 40.75 30.68
N GLU D 235 -1.02 40.00 31.76
CA GLU D 235 -2.17 39.11 31.83
C GLU D 235 -3.43 39.85 32.18
N LEU D 236 -3.36 40.98 32.91
CA LEU D 236 -4.59 41.64 33.37
C LEU D 236 -5.50 41.88 32.20
N GLU D 237 -4.95 42.40 31.11
CA GLU D 237 -5.75 42.84 29.97
C GLU D 237 -6.33 41.67 29.22
N PHE D 238 -5.70 40.49 29.29
CA PHE D 238 -6.24 39.32 28.64
C PHE D 238 -7.35 38.71 29.48
N LEU D 239 -7.22 38.72 30.81
CA LEU D 239 -8.27 38.17 31.65
C LEU D 239 -9.51 39.03 31.55
N ASN D 240 -9.34 40.35 31.46
CA ASN D 240 -10.42 41.31 31.71
C ASN D 240 -10.67 42.22 30.51
N ASN D 241 -10.15 41.86 29.35
CA ASN D 241 -10.49 42.46 28.06
C ASN D 241 -10.57 43.98 28.10
N HIS D 242 -9.46 44.60 28.45
CA HIS D 242 -9.35 46.05 28.44
C HIS D 242 -7.93 46.43 28.04
N ARG D 243 -7.78 47.70 27.65
CA ARG D 243 -6.49 48.28 27.32
C ARG D 243 -5.62 48.39 28.57
N THR D 244 -4.33 48.60 28.38
CA THR D 244 -3.43 48.46 29.50
C THR D 244 -3.71 49.58 30.50
N VAL D 245 -3.53 49.31 31.79
CA VAL D 245 -3.91 50.22 32.85
C VAL D 245 -2.71 50.67 33.67
N ALA D 246 -1.52 50.29 33.24
CA ALA D 246 -0.27 50.76 33.79
C ALA D 246 0.80 50.63 32.73
N ASP D 247 1.84 51.45 32.86
CA ASP D 247 3.14 51.18 32.25
C ASP D 247 3.86 50.15 33.08
N VAL D 248 4.67 49.33 32.39
CA VAL D 248 5.69 48.47 32.96
C VAL D 248 6.97 48.91 32.31
N VAL D 249 7.96 49.28 33.14
CA VAL D 249 9.25 49.78 32.67
C VAL D 249 10.37 48.99 33.37
N ALA D 250 11.37 48.58 32.57
CA ALA D 250 12.56 47.93 33.12
C ALA D 250 13.30 48.95 33.96
N THR D 251 13.68 48.56 35.15
CA THR D 251 14.59 49.37 35.93
C THR D 251 16.03 48.90 35.81
N THR D 252 16.24 47.65 35.36
CA THR D 252 17.57 47.10 35.11
C THR D 252 17.60 46.59 33.67
N HIS D 253 18.75 46.08 33.27
CA HIS D 253 18.74 45.19 32.14
C HIS D 253 17.79 44.01 32.44
N VAL D 254 16.81 43.80 31.55
CA VAL D 254 15.79 42.78 31.75
C VAL D 254 15.83 41.79 30.60
N ILE D 255 15.73 40.53 30.97
CA ILE D 255 15.53 39.39 30.09
C ILE D 255 14.22 38.72 30.54
N THR D 256 13.37 38.43 29.56
CA THR D 256 12.07 37.89 29.73
C THR D 256 11.85 36.78 28.73
N ALA D 257 10.94 35.90 29.06
CA ALA D 257 10.34 35.03 28.06
C ALA D 257 8.97 35.63 27.76
N LYS D 258 8.55 35.62 26.50
CA LYS D 258 7.31 36.32 26.13
C LYS D 258 6.37 35.41 25.35
N LEU D 259 5.06 35.61 25.58
CA LEU D 259 4.02 34.79 24.99
C LEU D 259 3.08 35.72 24.24
N ASN D 260 2.84 35.40 22.98
CA ASN D 260 1.94 36.30 22.27
C ASN D 260 0.50 36.11 22.72
N ARG D 261 -0.30 37.19 22.63
CA ARG D 261 -1.69 37.09 23.03
C ARG D 261 -2.44 35.93 22.35
N ARG D 262 -2.10 35.64 21.12
CA ARG D 262 -2.88 34.60 20.46
C ARG D 262 -2.68 33.22 21.08
N HIS D 263 -1.67 33.01 21.91
CA HIS D 263 -1.41 31.71 22.50
C HIS D 263 -1.76 31.67 23.95
N PHE D 264 -2.20 32.81 24.51
CA PHE D 264 -2.41 32.91 25.95
C PHE D 264 -3.38 31.83 26.44
N GLU D 265 -4.53 31.73 25.81
CA GLU D 265 -5.57 30.81 26.24
C GLU D 265 -5.13 29.35 26.02
N MET D 266 -4.55 29.04 24.86
CA MET D 266 -4.12 27.67 24.58
C MET D 266 -3.12 27.18 25.60
N CYS D 267 -2.30 28.07 26.14
CA CYS D 267 -1.11 27.66 26.85
C CYS D 267 -1.22 27.92 28.36
N LEU D 268 -1.98 28.94 28.78
CA LEU D 268 -2.15 29.30 30.19
C LEU D 268 -3.54 29.00 30.72
N GLY D 269 -4.38 28.35 29.93
CA GLY D 269 -5.67 27.86 30.36
C GLY D 269 -5.67 27.33 31.76
N PRO D 270 -4.89 26.26 31.97
CA PRO D 270 -4.95 25.60 33.28
C PRO D 270 -4.39 26.42 34.46
N VAL D 271 -3.74 27.60 34.24
CA VAL D 271 -3.31 28.43 35.37
C VAL D 271 -4.02 29.77 35.40
N ILE D 272 -5.02 29.97 34.55
CA ILE D 272 -5.71 31.23 34.57
C ILE D 272 -6.23 31.54 35.95
N ASP D 273 -6.81 30.54 36.64
CA ASP D 273 -7.44 30.86 37.92
C ASP D 273 -6.38 31.21 38.96
N VAL D 274 -5.16 30.69 38.84
CA VAL D 274 -4.07 31.26 39.61
C VAL D 274 -3.89 32.72 39.25
N LEU D 275 -3.84 33.03 37.95
CA LEU D 275 -3.69 34.45 37.53
C LEU D 275 -4.87 35.31 37.95
N LYS D 276 -6.06 34.71 38.12
CA LYS D 276 -7.22 35.48 38.57
C LYS D 276 -7.14 35.86 40.03
N ARG D 277 -6.12 35.44 40.77
CA ARG D 277 -5.98 35.94 42.13
CA ARG D 277 -5.94 35.93 42.14
C ARG D 277 -5.48 37.38 42.18
N CYS D 278 -5.28 38.02 41.02
CA CYS D 278 -5.08 39.45 40.99
C CYS D 278 -6.26 40.19 41.62
N ALA D 279 -7.46 39.59 41.63
CA ALA D 279 -8.63 40.22 42.28
C ALA D 279 -8.51 40.30 43.78
N ASP D 280 -7.78 39.39 44.41
CA ASP D 280 -7.62 39.40 45.86
C ASP D 280 -6.24 39.86 46.29
N ASP D 281 -5.24 39.65 45.48
CA ASP D 281 -3.87 39.95 45.92
C ASP D 281 -3.71 41.43 46.20
N PRO D 282 -3.01 41.77 47.26
CA PRO D 282 -2.76 43.18 47.59
C PRO D 282 -1.73 43.89 46.71
N LYS D 283 -0.79 43.19 46.08
CA LYS D 283 0.04 43.94 45.15
C LYS D 283 -0.78 44.46 43.96
N TYR D 284 -2.04 43.99 43.78
CA TYR D 284 -2.98 44.40 42.73
C TYR D 284 -4.07 45.37 43.28
N GLU D 285 -3.77 45.98 44.42
CA GLU D 285 -4.70 46.95 45.02
C GLU D 285 -4.95 48.10 44.06
N TYR D 286 -3.89 48.60 43.39
CA TYR D 286 -4.05 49.57 42.31
C TYR D 286 -5.08 49.13 41.27
N TYR D 287 -4.88 47.94 40.70
CA TYR D 287 -5.81 47.43 39.70
C TYR D 287 -7.18 47.18 40.30
N GLN D 288 -7.25 46.79 41.58
CA GLN D 288 -8.56 46.59 42.20
C GLN D 288 -9.39 47.84 42.04
N ASN D 289 -8.82 48.98 42.40
CA ASN D 289 -9.57 50.23 42.35
C ASN D 289 -9.90 50.63 40.92
N VAL D 290 -8.99 50.37 39.98
CA VAL D 290 -9.24 50.70 38.57
C VAL D 290 -10.50 50.00 38.07
N LEU D 291 -10.66 48.73 38.40
CA LEU D 291 -11.83 47.99 37.92
C LEU D 291 -13.14 48.51 38.52
N LYS D 292 -13.18 48.79 39.83
CA LYS D 292 -14.44 49.22 40.42
C LYS D 292 -14.88 50.60 39.96
N THR D 293 -13.95 51.47 39.57
CA THR D 293 -14.28 52.81 39.14
C THR D 293 -14.43 52.96 37.63
N GLY D 294 -14.29 51.87 36.87
CA GLY D 294 -14.43 51.92 35.42
C GLY D 294 -13.36 52.65 34.64
N ALA D 295 -12.10 52.63 35.10
CA ALA D 295 -11.02 53.33 34.38
C ALA D 295 -10.31 52.49 33.29
N ALA D 296 -10.96 51.71 32.41
CA ALA D 296 -10.28 51.19 31.22
C ALA D 296 -11.28 50.71 30.18
N GLN D 297 -10.87 50.67 28.91
CA GLN D 297 -11.73 50.19 27.84
C GLN D 297 -11.21 48.95 27.11
N PRO D 298 -12.10 48.21 26.41
CA PRO D 298 -11.72 46.95 25.73
C PRO D 298 -10.75 47.03 24.52
N SER D 299 -10.11 45.89 24.25
CA SER D 299 -9.22 45.72 23.08
C SER D 299 -9.24 44.26 22.63
O5' GMP E . -13.38 -4.03 -60.54
C5' GMP E . -12.85 -5.35 -60.57
C4' GMP E . -12.01 -5.68 -59.35
O4' GMP E . -10.88 -4.77 -59.27
C3' GMP E . -12.69 -5.56 -57.97
O3' GMP E . -13.44 -6.72 -57.63
C2' GMP E . -11.53 -5.31 -57.02
O2' GMP E . -10.91 -6.54 -56.58
C1' GMP E . -10.57 -4.50 -57.91
N9 GMP E . -10.79 -3.07 -57.75
C8 GMP E . -11.78 -2.37 -58.35
N7 GMP E . -11.67 -1.08 -58.01
C5 GMP E . -10.61 -1.04 -57.20
C6 GMP E . -9.94 0.10 -56.47
O6 GMP E . -10.38 1.23 -56.56
N1 GMP E . -8.77 -0.18 -55.69
C2 GMP E . -8.23 -1.49 -55.53
N2 GMP E . -7.06 -1.61 -54.66
N3 GMP E . -8.83 -2.57 -56.22
C4 GMP E . -10.05 -2.28 -57.03
HO5' GMP E . -14.23 -4.07 -60.48
H5'1 GMP E . -13.59 -5.99 -60.62
H5'2 GMP E . -12.30 -5.45 -61.36
H4' GMP E . -11.67 -6.58 -59.44
H3' GMP E . -13.27 -4.79 -57.97
H2' GMP E . -11.83 -4.77 -56.26
HO2' GMP E . -11.13 -6.70 -55.77
H1' GMP E . -9.65 -4.73 -57.72
H8 GMP E . -12.43 -2.73 -58.91
HN1 GMP E . -8.40 0.47 -55.26
HN21 GMP E . -6.73 -0.90 -54.30
HN22 GMP E . -6.68 -2.37 -54.57
O5' GMP F . 4.35 -5.36 -26.03
C5' GMP F . 2.91 -5.33 -25.95
C4' GMP F . 2.39 -4.06 -26.56
O4' GMP F . 2.56 -2.99 -25.62
C3' GMP F . 3.04 -3.56 -27.84
O3' GMP F . 2.59 -4.24 -29.01
C2' GMP F . 2.67 -2.09 -27.82
O2' GMP F . 1.32 -1.95 -28.29
C1' GMP F . 2.73 -1.79 -26.31
N9 GMP F . 4.04 -1.28 -25.90
C8 GMP F . 5.11 -2.08 -25.66
N7 GMP F . 6.19 -1.32 -25.38
C5 GMP F . 5.76 -0.06 -25.51
C6 GMP F . 6.49 1.26 -25.35
O6 GMP F . 7.67 1.30 -25.04
N1 GMP F . 5.74 2.44 -25.51
C2 GMP F . 4.36 2.46 -25.87
N2 GMP F . 3.60 3.72 -26.07
N3 GMP F . 3.72 1.21 -26.03
C4 GMP F . 4.44 -0.04 -25.82
HO5' GMP F . 4.68 -5.21 -25.26
H5'1 GMP F . 2.65 -5.37 -25.03
H5'2 GMP F . 2.56 -6.10 -26.43
H4' GMP F . 1.43 -4.17 -26.73
H3' GMP F . 4.00 -3.66 -27.76
H2' GMP F . 3.31 -1.56 -28.32
HO2' GMP F . 1.16 -1.12 -28.42
H1' GMP F . 2.03 -1.17 -26.05
H8 GMP F . 5.10 -3.01 -25.66
HN1 GMP F . 6.15 3.19 -25.42
HN21 GMP F . 4.01 4.48 -25.97
HN22 GMP F . 2.77 3.70 -26.28
O5' GMP G . -24.87 -8.79 7.65
C5' GMP G . -23.49 -8.66 7.99
C4' GMP G . -22.63 -9.40 7.02
O4' GMP G . -22.95 -10.83 7.08
C3' GMP G . -22.83 -9.02 5.56
O3' GMP G . -22.05 -7.90 5.19
C2' GMP G . -22.50 -10.31 4.81
O2' GMP G . -21.09 -10.45 4.67
C1' GMP G . -23.02 -11.38 5.79
N9 GMP G . -24.42 -11.79 5.52
C8 GMP G . -25.54 -11.14 5.87
N7 GMP G . -26.61 -11.87 5.46
C5 GMP G . -26.19 -12.98 4.86
C6 GMP G . -26.90 -14.19 4.18
O6 GMP G . -28.09 -14.33 4.07
N1 GMP G . -26.15 -15.24 3.62
C2 GMP G . -24.73 -15.16 3.69
N2 GMP G . -23.88 -16.22 3.11
N3 GMP G . -24.06 -14.04 4.31
C4 GMP G . -24.84 -12.92 4.91
HO5' GMP G . -25.34 -8.56 8.31
H5'1 GMP G . -23.35 -9.01 8.88
H5'2 GMP G . -23.25 -7.71 7.97
H4' GMP G . -21.69 -9.28 7.24
H3' GMP G . -23.77 -8.82 5.42
H2' GMP G . -22.95 -10.35 3.95
HO2' GMP G . -20.89 -10.46 3.84
H1' GMP G . -22.44 -12.14 5.74
H8 GMP G . -25.57 -10.32 6.32
HN1 GMP G . -26.53 -15.91 3.25
HN21 GMP G . -24.25 -16.91 2.74
HN22 GMP G . -23.03 -16.16 3.16
O5' GMP H . -9.11 -27.77 -22.37
C5' GMP H . -9.81 -26.54 -22.45
C4' GMP H . -11.26 -26.73 -22.20
O4' GMP H . -11.80 -27.52 -23.29
C3' GMP H . -11.64 -27.49 -20.94
O3' GMP H . -11.72 -26.63 -19.83
C2' GMP H . -13.00 -28.08 -21.30
O2' GMP H . -14.00 -27.06 -21.18
C1' GMP H . -12.77 -28.42 -22.79
N9 GMP H . -12.28 -29.81 -22.90
C8 GMP H . -11.02 -30.31 -22.79
N7 GMP H . -11.10 -31.67 -22.87
C5 GMP H . -12.39 -31.99 -23.02
C6 GMP H . -13.22 -33.32 -23.19
O6 GMP H . -12.86 -34.46 -23.20
N1 GMP H . -14.60 -33.21 -23.37
C2 GMP H . -15.32 -31.95 -23.41
N2 GMP H . -16.78 -32.06 -23.58
N3 GMP H . -14.61 -30.74 -23.23
C4 GMP H . -13.11 -30.80 -23.05
HO5' GMP H . -8.45 -27.69 -21.83
H5'1 GMP H . -9.67 -26.17 -23.33
H5'2 GMP H . -9.44 -25.93 -21.79
H4' GMP H . -11.69 -25.86 -22.18
H3' GMP H . -11.00 -28.19 -20.77
H2' GMP H . -13.21 -28.86 -20.78
HO2' GMP H . -14.30 -27.06 -20.39
H1' GMP H . -13.60 -28.32 -23.28
H8 GMP H . -10.25 -29.82 -22.63
HN1 GMP H . -15.06 -33.93 -23.47
HN21 GMP H . -17.27 -31.36 -23.59
HN22 GMP H . -17.14 -32.84 -23.66
C ACT I . 1.37 -18.60 -13.28
O ACT I . 2.28 -17.95 -13.84
OXT ACT I . 0.53 -19.09 -14.05
CH3 ACT I . 1.30 -18.80 -11.79
H1 ACT I . 2.16 -18.29 -11.32
H2 ACT I . 1.36 -19.86 -11.56
H3 ACT I . 0.38 -18.38 -11.41
O5' GMP J . 18.90 -25.10 26.45
C5' GMP J . 18.40 -24.58 25.21
C4' GMP J . 18.19 -23.09 25.29
O4' GMP J . 17.26 -22.80 26.37
C3' GMP J . 19.42 -22.28 25.63
O3' GMP J . 20.21 -21.99 24.49
C2' GMP J . 18.83 -21.04 26.25
O2' GMP J . 18.29 -20.22 25.24
C1' GMP J . 17.65 -21.61 27.03
N9 GMP J . 17.90 -21.90 28.47
C8 GMP J . 18.35 -23.07 28.97
N7 GMP J . 18.42 -22.95 30.30
C5 GMP J . 18.01 -21.73 30.61
C6 GMP J . 17.89 -21.06 31.96
O6 GMP J . 18.22 -21.74 32.88
N1 GMP J . 17.43 -19.71 32.11
C2 GMP J . 17.07 -18.99 30.90
N2 GMP J . 16.58 -17.60 30.94
N3 GMP J . 17.19 -19.64 29.62
C4 GMP J . 17.69 -21.06 29.50
HO5' GMP J . 19.51 -25.68 26.29
H5'1 GMP J . 19.04 -24.77 24.51
H5'2 GMP J . 17.56 -25.01 25.00
H4' GMP J . 17.82 -22.77 24.45
H3' GMP J . 19.95 -22.76 26.30
H2' GMP J . 19.46 -20.58 26.83
HO2' GMP J . 18.80 -19.54 25.13
H1' GMP J . 16.91 -20.98 26.97
H8 GMP J . 18.57 -23.83 28.48
HN1 GMP J . 17.37 -19.34 32.89
HN21 GMP J . 16.38 -17.20 30.21
HN22 GMP J . 16.49 -17.19 31.69
O5' GMP K . 20.12 12.60 35.10
C5' GMP K . 21.30 11.92 34.70
C4' GMP K . 21.69 10.81 35.66
O4' GMP K . 22.21 11.41 36.87
C3' GMP K . 20.59 9.88 36.12
O3' GMP K . 20.42 8.80 35.26
C2' GMP K . 21.05 9.42 37.50
O2' GMP K . 22.04 8.37 37.33
C1' GMP K . 21.74 10.69 38.00
N9 GMP K . 20.79 11.54 38.74
C8 GMP K . 19.91 12.41 38.23
N7 GMP K . 19.25 12.93 39.26
C5 GMP K . 19.72 12.37 40.39
C6 GMP K . 19.38 12.51 41.89
O6 GMP K . 18.53 13.26 42.29
N1 GMP K . 20.08 11.73 42.84
C2 GMP K . 21.12 10.82 42.43
N2 GMP K . 21.89 10.00 43.41
N3 GMP K . 21.42 10.69 41.05
C4 GMP K . 20.69 11.50 40.02
HO5' GMP K . 19.57 12.61 34.44
H5'1 GMP K . 22.03 12.57 34.66
H5'2 GMP K . 21.16 11.54 33.83
H4' GMP K . 22.40 10.28 35.26
H3' GMP K . 19.76 10.37 36.21
HO3' GMP K . 19.65 8.84 34.90
H2' GMP K . 20.31 9.16 38.06
HO2' GMP K . 21.93 7.78 37.92
H1' GMP K . 22.49 10.45 38.57
H8 GMP K . 19.79 12.62 37.33
HN1 GMP K . 19.91 11.82 43.68
HN21 GMP K . 22.49 9.46 43.13
HN22 GMP K . 21.72 10.06 44.25
O5' GMP L . 0.43 9.84 21.70
C5' GMP L . -0.07 10.42 20.49
C4' GMP L . -0.49 11.85 20.72
O4' GMP L . -1.16 11.94 21.99
C3' GMP L . 0.64 12.85 20.84
O3' GMP L . 1.17 13.25 19.58
C2' GMP L . -0.01 13.98 21.64
O2' GMP L . -0.83 14.83 20.83
C1' GMP L . -0.90 13.18 22.59
N9 GMP L . -0.21 12.86 23.85
C8 GMP L . 0.56 11.77 23.97
N7 GMP L . 1.04 11.74 25.21
C5 GMP L . 0.53 12.79 25.84
C6 GMP L . 0.72 13.31 27.26
O6 GMP L . 1.43 12.70 28.02
N1 GMP L . 0.01 14.48 27.65
C2 GMP L . -0.82 15.24 26.74
N2 GMP L . -1.51 16.47 27.21
N3 GMP L . -0.96 14.74 25.40
C4 GMP L . -0.26 13.49 24.98
HO5' GMP L . 1.28 9.86 21.69
H5'1 GMP L . -0.83 9.91 20.18
H5'2 GMP L . 0.63 10.40 19.82
H4' GMP L . -1.09 12.14 20.01
H3' GMP L . 1.36 12.46 21.37
H2' GMP L . 0.66 14.49 22.13
HO2' GMP L . -0.85 15.61 21.17
H1' GMP L . -1.72 13.65 22.77
H8 GMP L . 0.75 11.17 23.29
HN1 GMP L . 0.11 14.78 28.46
HN21 GMP L . -2.01 16.91 26.67
HN22 GMP L . -1.41 16.74 28.02
O5' GMP M . -1.63 46.96 32.78
C5' GMP M . -0.48 46.34 32.23
C4' GMP M . 0.13 45.36 33.18
O4' GMP M . 0.58 46.05 34.36
C3' GMP M . -0.76 44.27 33.75
O3' GMP M . -1.00 43.29 32.74
C2' GMP M . 0.05 43.82 34.93
O2' GMP M . 1.16 43.02 34.48
C1' GMP M . 0.58 45.18 35.44
N9 GMP M . -0.26 45.81 36.47
C8 GMP M . -1.27 46.63 36.16
N7 GMP M . -1.83 47.00 37.30
C5 GMP M . -1.18 46.43 38.31
C6 GMP M . -1.37 46.45 39.85
O6 GMP M . -2.23 47.08 40.40
N1 GMP M . -0.49 45.70 40.68
C2 GMP M . 0.54 44.91 40.09
N2 GMP M . 1.45 44.14 40.97
N3 GMP M . 0.68 44.91 38.66
C4 GMP M . -0.20 45.69 37.78
HO5' GMP M . -1.42 47.70 33.13
H5'1 GMP M . -0.73 45.88 31.41
H5'2 GMP M . 0.17 47.02 32.01
H4' GMP M . 0.89 44.95 32.76
H3' GMP M . -1.60 44.65 34.05
H2' GMP M . -0.49 43.37 35.60
HO2' GMP M . 1.37 42.46 35.09
H1' GMP M . 1.49 45.08 35.77
H8 GMP M . -1.53 46.90 35.30
HN1 GMP M . -0.59 45.72 41.54
HN21 GMP M . 1.35 44.16 41.83
HN22 GMP M . 2.07 43.66 40.63
#